data_4GL8
#
_entry.id   4GL8
#
_cell.length_a   99.750
_cell.length_b   103.580
_cell.length_c   104.810
_cell.angle_alpha   90.00
_cell.angle_beta   90.00
_cell.angle_gamma   90.00
#
_symmetry.space_group_name_H-M   'P 21 21 21'
#
loop_
_entity.id
_entity.type
_entity.pdbx_description
1 polymer 'Oligopeptide ABC transporter OppAIV'
2 polymer 'Peptide of unknown sequence'
3 water water
#
loop_
_entity_poly.entity_id
_entity_poly.type
_entity_poly.pdbx_seq_one_letter_code
_entity_poly.pdbx_strand_id
1 'polypeptide(L)'
;MAHHHHHHMGTLEAQTQGPGSMNESNRNKLVFKLNIGSEPATLDAQLINDTVGSGIVSQMFLGILDGDPRTGGYRPGLAK
SWDISDDGVVYTFHLRDNLVWSDGVSITAEGIRKSYLRILDKETGSSFVNMIKSVIKNAEEYFDGKANESELGIKALDEK
TLEITLKSPKPYFLDMLVHQTFIPVPMHVIEKYGQRWTDPENMVVSGPFKLKSRVLNEKVVLEKNNKYYNSKDVVLDSII
FFVTDNSITAYNMYLNDELDAIFKNVPPDLLKDLKLRDDYYSMGINSTSFYSLNMKVKPLDNVKVRKALSFAIDRKTLTE
SVLNDSSIPTRRATPDYIDYSYKSNLSLFDAEMAKKLLADAGYPNGNNFPLLKVKYNTSDSQRKIAEFIQNQWKKNLNIN
VQLENEEWSTYINSRVNGNYEIIRSGWSGDYADPMTFLSIFQTENTSFSSYGYSNSEYDELLIKSDNERDIFKRQEILKK
AEAIIIERDFPAVFLNITSSSYLFRNDKWKGWEPNISERFNLSEIKPIK
;
A,B
2 'polypeptide(L)' (UNK)(UNK)(UNK)(UNK) C,D
#
# COMPACT_ATOMS: atom_id res chain seq x y z
N LYS A 29 -4.61 26.06 23.06
CA LYS A 29 -5.28 25.86 21.74
C LYS A 29 -4.80 24.55 21.05
N LEU A 30 -5.75 23.73 20.59
CA LEU A 30 -5.44 22.62 19.68
C LEU A 30 -5.62 23.10 18.25
N VAL A 31 -4.48 23.25 17.58
CA VAL A 31 -4.35 23.76 16.24
C VAL A 31 -3.86 22.61 15.36
N PHE A 32 -4.53 22.36 14.25
CA PHE A 32 -4.07 21.43 13.22
C PHE A 32 -3.76 22.25 11.97
N LYS A 33 -2.60 22.00 11.35
CA LYS A 33 -2.11 22.83 10.27
C LYS A 33 -1.82 21.97 9.08
N LEU A 34 -2.27 22.39 7.90
CA LEU A 34 -1.98 21.62 6.72
C LEU A 34 -1.79 22.47 5.46
N ASN A 35 -1.05 21.90 4.52
CA ASN A 35 -0.93 22.46 3.19
C ASN A 35 -1.86 21.70 2.24
N ILE A 36 -2.71 22.45 1.53
CA ILE A 36 -3.70 21.92 0.57
C ILE A 36 -3.27 22.17 -0.90
N GLY A 37 -2.32 23.07 -1.11
CA GLY A 37 -1.61 23.17 -2.39
C GLY A 37 -1.90 24.38 -3.29
N SER A 38 -2.90 25.19 -2.95
CA SER A 38 -3.20 26.37 -3.75
C SER A 38 -4.22 27.23 -3.03
N GLU A 39 -4.20 28.52 -3.36
CA GLU A 39 -5.11 29.51 -2.81
C GLU A 39 -6.46 29.30 -3.47
N PRO A 40 -7.53 29.17 -2.66
CA PRO A 40 -8.86 29.07 -3.25
C PRO A 40 -9.25 30.36 -3.95
N ALA A 41 -10.13 30.22 -4.93
CA ALA A 41 -10.61 31.33 -5.76
C ALA A 41 -11.86 31.93 -5.17
N THR A 42 -12.59 31.16 -4.38
CA THR A 42 -13.82 31.63 -3.77
C THR A 42 -14.16 30.65 -2.66
N LEU A 43 -14.70 31.17 -1.57
CA LEU A 43 -15.23 30.33 -0.51
C LEU A 43 -16.78 30.28 -0.50
N ASP A 44 -17.39 30.65 -1.63
CA ASP A 44 -18.85 30.69 -1.79
C ASP A 44 -19.24 29.36 -2.43
N ALA A 45 -19.97 28.53 -1.70
CA ALA A 45 -20.25 27.16 -2.12
C ALA A 45 -21.00 27.08 -3.44
N GLN A 46 -21.72 28.15 -3.77
CA GLN A 46 -22.56 28.13 -4.98
C GLN A 46 -21.76 28.60 -6.19
N LEU A 47 -20.53 29.07 -5.96
CA LEU A 47 -19.64 29.49 -7.03
C LEU A 47 -18.41 28.59 -7.15
N ILE A 48 -18.10 27.79 -6.14
CA ILE A 48 -16.89 26.95 -6.18
C ILE A 48 -17.05 25.86 -7.21
N ASN A 49 -16.04 25.66 -8.05
CA ASN A 49 -16.05 24.56 -9.01
C ASN A 49 -14.78 23.75 -8.98
N ASP A 50 -14.08 23.82 -7.86
CA ASP A 50 -12.68 23.36 -7.77
C ASP A 50 -12.45 22.65 -6.44
N THR A 51 -11.52 21.70 -6.40
CA THR A 51 -11.33 20.87 -5.20
C THR A 51 -10.71 21.58 -3.99
N VAL A 52 -10.03 22.70 -4.20
CA VAL A 52 -9.46 23.43 -3.09
C VAL A 52 -10.55 24.18 -2.32
N GLY A 53 -11.30 25.00 -3.03
CA GLY A 53 -12.46 25.62 -2.41
C GLY A 53 -13.40 24.59 -1.78
N SER A 54 -13.63 23.48 -2.48
CA SER A 54 -14.55 22.46 -1.98
C SER A 54 -14.10 21.83 -0.67
N GLY A 55 -12.80 21.53 -0.57
CA GLY A 55 -12.25 20.88 0.59
C GLY A 55 -12.29 21.77 1.83
N ILE A 56 -12.14 23.07 1.61
CA ILE A 56 -12.24 24.03 2.69
C ILE A 56 -13.71 24.27 3.08
N VAL A 57 -14.55 24.56 2.11
CA VAL A 57 -15.94 24.93 2.38
C VAL A 57 -16.68 23.79 3.06
N SER A 58 -16.32 22.55 2.73
CA SER A 58 -16.94 21.41 3.34
C SER A 58 -16.64 21.34 4.85
N GLN A 59 -15.60 22.04 5.33
CA GLN A 59 -15.31 22.10 6.76
C GLN A 59 -16.17 23.14 7.47
N MET A 60 -16.92 23.93 6.71
CA MET A 60 -17.67 25.02 7.26
C MET A 60 -19.15 24.94 7.05
N PHE A 61 -19.59 24.32 5.96
CA PHE A 61 -21.01 24.26 5.59
C PHE A 61 -21.48 22.83 5.51
N LEU A 62 -22.47 22.53 6.34
CA LEU A 62 -23.15 21.26 6.37
C LEU A 62 -24.19 21.18 5.26
N GLY A 63 -24.10 20.14 4.43
CA GLY A 63 -25.10 19.87 3.43
C GLY A 63 -26.35 19.22 4.01
N ILE A 64 -27.36 19.04 3.17
CA ILE A 64 -28.58 18.33 3.59
CA ILE A 64 -28.58 18.36 3.61
C ILE A 64 -28.13 16.95 4.05
N LEU A 65 -27.22 16.38 3.28
CA LEU A 65 -26.50 15.22 3.67
C LEU A 65 -25.07 15.72 3.77
N ASP A 66 -24.27 15.00 4.54
CA ASP A 66 -22.92 15.34 4.84
C ASP A 66 -22.09 14.19 4.25
N GLY A 67 -20.78 14.40 4.10
CA GLY A 67 -19.89 13.38 3.60
C GLY A 67 -19.59 12.41 4.71
N ASP A 68 -19.40 11.16 4.32
CA ASP A 68 -19.04 10.12 5.24
C ASP A 68 -17.53 9.93 5.15
N PRO A 69 -16.79 10.39 6.19
CA PRO A 69 -15.33 10.38 6.08
C PRO A 69 -14.74 8.99 6.03
N ARG A 70 -15.50 7.98 6.44
CA ARG A 70 -15.02 6.61 6.46
C ARG A 70 -15.13 5.95 5.09
N THR A 71 -16.21 6.17 4.36
CA THR A 71 -16.42 5.44 3.10
C THR A 71 -16.28 6.32 1.87
N GLY A 72 -16.37 7.62 2.06
CA GLY A 72 -16.45 8.53 0.93
C GLY A 72 -17.86 8.64 0.39
N GLY A 73 -18.82 7.98 1.06
CA GLY A 73 -20.24 8.12 0.70
C GLY A 73 -20.88 9.33 1.40
N TYR A 74 -22.16 9.22 1.75
CA TYR A 74 -22.93 10.28 2.43
C TYR A 74 -23.50 9.78 3.75
N ARG A 75 -23.98 10.70 4.57
CA ARG A 75 -24.62 10.36 5.85
C ARG A 75 -25.44 11.58 6.29
N PRO A 76 -26.26 11.44 7.36
CA PRO A 76 -27.16 12.53 7.69
C PRO A 76 -26.34 13.77 7.94
N GLY A 77 -26.88 14.90 7.49
CA GLY A 77 -26.28 16.21 7.72
C GLY A 77 -27.34 17.10 8.34
N LEU A 78 -27.77 18.13 7.63
CA LEU A 78 -28.85 18.98 8.17
C LEU A 78 -30.10 18.15 8.41
N ALA A 79 -30.36 17.23 7.48
CA ALA A 79 -31.42 16.25 7.57
C ALA A 79 -30.97 15.04 8.38
N LYS A 80 -31.74 14.70 9.41
CA LYS A 80 -31.53 13.48 10.18
C LYS A 80 -32.11 12.24 9.50
N SER A 81 -33.08 12.40 8.60
CA SER A 81 -33.62 11.29 7.84
C SER A 81 -34.43 11.81 6.65
N TRP A 82 -34.84 10.89 5.81
CA TRP A 82 -35.51 11.27 4.59
C TRP A 82 -36.38 10.13 4.14
N ASP A 83 -37.41 10.49 3.38
CA ASP A 83 -38.32 9.56 2.75
C ASP A 83 -38.14 9.70 1.25
N ILE A 84 -38.44 8.64 0.51
CA ILE A 84 -38.45 8.67 -0.96
C ILE A 84 -39.76 8.04 -1.43
N SER A 85 -40.42 8.72 -2.37
CA SER A 85 -41.67 8.22 -2.90
C SER A 85 -41.47 6.89 -3.67
N ASP A 86 -42.53 6.12 -3.79
CA ASP A 86 -42.48 4.82 -4.44
C ASP A 86 -41.95 4.93 -5.86
N ASP A 87 -42.33 6.00 -6.56
CA ASP A 87 -41.87 6.23 -7.95
C ASP A 87 -40.45 6.84 -8.05
N GLY A 88 -39.82 7.09 -6.90
CA GLY A 88 -38.44 7.52 -6.89
C GLY A 88 -38.15 8.97 -7.28
N VAL A 89 -39.16 9.82 -7.36
CA VAL A 89 -38.89 11.19 -7.78
C VAL A 89 -38.99 12.22 -6.68
N VAL A 90 -39.72 11.94 -5.60
CA VAL A 90 -39.98 12.93 -4.54
C VAL A 90 -39.26 12.57 -3.26
N TYR A 91 -38.28 13.39 -2.89
CA TYR A 91 -37.49 13.20 -1.67
C TYR A 91 -37.93 14.20 -0.64
N THR A 92 -38.06 13.71 0.60
CA THR A 92 -38.60 14.52 1.69
C THR A 92 -37.59 14.39 2.83
N PHE A 93 -36.93 15.50 3.14
CA PHE A 93 -35.90 15.58 4.17
C PHE A 93 -36.47 16.17 5.48
N HIS A 94 -36.22 15.47 6.59
CA HIS A 94 -36.65 15.90 7.92
C HIS A 94 -35.43 16.49 8.62
N LEU A 95 -35.47 17.80 8.84
CA LEU A 95 -34.32 18.49 9.44
C LEU A 95 -34.22 18.13 10.93
N ARG A 96 -33.00 18.03 11.44
CA ARG A 96 -32.81 17.89 12.90
C ARG A 96 -33.24 19.17 13.62
N ASP A 97 -33.54 19.03 14.91
CA ASP A 97 -33.94 20.13 15.79
C ASP A 97 -32.82 21.12 16.07
N ASN A 98 -33.22 22.37 16.31
CA ASN A 98 -32.31 23.43 16.80
C ASN A 98 -31.18 23.76 15.85
N LEU A 99 -31.40 23.63 14.56
CA LEU A 99 -30.37 23.99 13.59
C LEU A 99 -30.22 25.48 13.56
N VAL A 100 -29.02 25.98 13.77
CA VAL A 100 -28.77 27.43 13.66
C VAL A 100 -27.51 27.68 12.89
N TRP A 101 -27.45 28.82 12.21
CA TRP A 101 -26.19 29.32 11.66
C TRP A 101 -25.34 29.82 12.85
N SER A 102 -24.11 30.24 12.55
CA SER A 102 -23.12 30.55 13.55
C SER A 102 -23.37 31.89 14.25
N ASP A 103 -24.27 32.71 13.71
CA ASP A 103 -24.79 33.89 14.39
C ASP A 103 -26.12 33.59 15.12
N GLY A 104 -26.49 32.31 15.30
CA GLY A 104 -27.73 31.95 16.03
C GLY A 104 -29.04 32.06 15.27
N VAL A 105 -29.02 32.54 14.04
CA VAL A 105 -30.23 32.56 13.20
C VAL A 105 -30.59 31.13 12.78
N SER A 106 -31.86 30.75 12.99
CA SER A 106 -32.35 29.40 12.66
C SER A 106 -32.20 29.00 11.18
N ILE A 107 -31.87 27.75 10.93
CA ILE A 107 -31.86 27.19 9.59
C ILE A 107 -33.20 26.47 9.44
N THR A 108 -34.09 27.02 8.62
CA THR A 108 -35.40 26.48 8.34
C THR A 108 -35.42 25.97 6.89
N ALA A 109 -36.42 25.16 6.56
CA ALA A 109 -36.56 24.65 5.19
C ALA A 109 -36.81 25.78 4.18
N GLU A 110 -37.47 26.85 4.62
CA GLU A 110 -37.64 28.04 3.78
C GLU A 110 -36.30 28.76 3.53
N GLY A 111 -35.45 28.86 4.53
CA GLY A 111 -34.10 29.37 4.29
C GLY A 111 -33.28 28.55 3.28
N ILE A 112 -33.46 27.26 3.30
CA ILE A 112 -32.74 26.43 2.37
C ILE A 112 -33.32 26.60 0.98
N ARG A 113 -34.63 26.68 0.91
CA ARG A 113 -35.28 26.93 -0.34
C ARG A 113 -34.83 28.25 -1.00
N LYS A 114 -34.75 29.30 -0.21
CA LYS A 114 -34.26 30.62 -0.65
C LYS A 114 -32.79 30.54 -1.15
N SER A 115 -32.01 29.68 -0.51
CA SER A 115 -30.67 29.39 -0.97
C SER A 115 -30.65 28.78 -2.39
N TYR A 116 -31.49 27.78 -2.61
CA TYR A 116 -31.62 27.20 -3.95
C TYR A 116 -32.09 28.20 -4.96
N LEU A 117 -32.96 29.12 -4.55
CA LEU A 117 -33.38 30.18 -5.48
C LEU A 117 -32.22 31.07 -5.95
N ARG A 118 -31.29 31.41 -5.06
CA ARG A 118 -30.08 32.17 -5.48
C ARG A 118 -29.26 31.45 -6.56
N ILE A 119 -28.97 30.15 -6.41
CA ILE A 119 -28.11 29.51 -7.42
C ILE A 119 -28.85 29.36 -8.76
N LEU A 120 -30.18 29.37 -8.71
CA LEU A 120 -30.99 29.32 -9.93
C LEU A 120 -31.29 30.68 -10.50
N ASP A 121 -30.69 31.72 -9.92
CA ASP A 121 -30.71 33.06 -10.47
C ASP A 121 -29.54 33.21 -11.43
N LYS A 122 -29.86 33.54 -12.69
CA LYS A 122 -28.86 33.81 -13.72
C LYS A 122 -27.80 34.81 -13.24
N GLU A 123 -28.20 35.81 -12.47
CA GLU A 123 -27.28 36.91 -12.08
C GLU A 123 -26.17 36.47 -11.14
N THR A 124 -26.37 35.38 -10.42
CA THR A 124 -25.34 34.80 -9.53
C THR A 124 -24.11 34.27 -10.30
N GLY A 125 -24.33 33.85 -11.54
CA GLY A 125 -23.25 33.40 -12.41
C GLY A 125 -22.57 32.12 -11.93
N SER A 126 -23.30 31.24 -11.24
CA SER A 126 -22.72 29.97 -10.82
C SER A 126 -22.39 29.12 -12.05
N SER A 127 -21.13 28.70 -12.19
CA SER A 127 -20.73 27.92 -13.34
C SER A 127 -21.20 26.44 -13.23
N PHE A 128 -21.78 26.06 -12.09
CA PHE A 128 -22.24 24.67 -11.84
C PHE A 128 -23.74 24.53 -11.86
N VAL A 129 -24.42 25.63 -12.12
CA VAL A 129 -25.88 25.65 -12.15
C VAL A 129 -26.50 24.53 -13.00
N ASN A 130 -25.82 24.06 -14.03
CA ASN A 130 -26.36 22.95 -14.86
C ASN A 130 -26.60 21.64 -14.11
N MET A 131 -25.80 21.41 -13.09
CA MET A 131 -26.01 20.27 -12.21
C MET A 131 -27.38 20.32 -11.50
N ILE A 132 -27.77 21.49 -11.00
CA ILE A 132 -29.08 21.67 -10.41
C ILE A 132 -30.22 21.51 -11.43
N LYS A 133 -30.07 22.15 -12.59
CA LYS A 133 -31.08 22.14 -13.65
C LYS A 133 -31.34 20.75 -14.24
N SER A 134 -30.33 19.93 -14.32
CA SER A 134 -30.48 18.59 -14.86
C SER A 134 -31.16 17.63 -13.87
N VAL A 135 -31.25 18.00 -12.60
CA VAL A 135 -31.73 17.10 -11.54
C VAL A 135 -33.15 17.45 -11.08
N ILE A 136 -33.36 18.71 -10.72
CA ILE A 136 -34.57 19.12 -10.02
C ILE A 136 -35.68 19.54 -11.00
N LYS A 137 -36.91 19.09 -10.68
CA LYS A 137 -38.07 19.33 -11.50
C LYS A 137 -38.30 20.81 -11.67
N ASN A 138 -38.48 21.22 -12.91
CA ASN A 138 -38.70 22.60 -13.28
C ASN A 138 -37.57 23.58 -12.96
N ALA A 139 -36.40 23.09 -12.55
CA ALA A 139 -35.30 23.98 -12.27
C ALA A 139 -34.83 24.70 -13.54
N GLU A 140 -34.79 23.97 -14.64
CA GLU A 140 -34.36 24.58 -15.89
C GLU A 140 -35.34 25.68 -16.38
N GLU A 141 -36.62 25.40 -16.21
CA GLU A 141 -37.68 26.29 -16.65
C GLU A 141 -37.70 27.49 -15.74
N TYR A 142 -37.59 27.26 -14.44
CA TYR A 142 -37.46 28.38 -13.53
C TYR A 142 -36.27 29.31 -13.90
N PHE A 143 -35.10 28.73 -14.14
CA PHE A 143 -33.87 29.46 -14.47
C PHE A 143 -33.99 30.30 -15.72
N ASP A 144 -34.68 29.73 -16.72
CA ASP A 144 -34.95 30.40 -17.99
C ASP A 144 -36.09 31.38 -17.91
N GLY A 145 -36.72 31.53 -16.76
CA GLY A 145 -37.83 32.48 -16.63
C GLY A 145 -39.18 31.98 -17.13
N LYS A 146 -39.36 30.66 -17.20
CA LYS A 146 -40.58 30.06 -17.73
C LYS A 146 -41.50 29.44 -16.68
N ALA A 147 -41.02 29.22 -15.47
CA ALA A 147 -41.86 28.65 -14.42
C ALA A 147 -41.90 29.57 -13.20
N ASN A 148 -43.07 29.62 -12.57
CA ASN A 148 -43.21 30.32 -11.30
C ASN A 148 -42.30 29.65 -10.27
N GLU A 149 -41.76 30.45 -9.38
CA GLU A 149 -41.09 29.99 -8.16
C GLU A 149 -41.88 28.88 -7.43
N SER A 150 -43.21 28.99 -7.41
CA SER A 150 -44.06 28.00 -6.73
C SER A 150 -44.09 26.61 -7.43
N GLU A 151 -43.81 26.58 -8.74
CA GLU A 151 -43.76 25.36 -9.55
C GLU A 151 -42.41 24.64 -9.53
N LEU A 152 -41.41 25.23 -8.85
CA LEU A 152 -40.08 24.66 -8.76
C LEU A 152 -40.14 23.49 -7.80
N GLY A 153 -39.44 22.41 -8.12
CA GLY A 153 -39.46 21.21 -7.29
C GLY A 153 -38.67 21.26 -6.00
N ILE A 154 -38.80 22.35 -5.25
CA ILE A 154 -38.13 22.51 -3.95
C ILE A 154 -39.18 23.21 -3.11
N LYS A 155 -39.62 22.57 -2.02
CA LYS A 155 -40.67 23.17 -1.22
C LYS A 155 -40.39 23.03 0.26
N ALA A 156 -40.78 24.05 1.00
CA ALA A 156 -40.69 24.07 2.45
C ALA A 156 -42.05 23.64 2.96
N LEU A 157 -42.19 22.37 3.32
CA LEU A 157 -43.48 21.82 3.76
C LEU A 157 -43.86 22.33 5.16
N ASP A 158 -42.85 22.57 5.99
CA ASP A 158 -42.96 23.31 7.24
C ASP A 158 -41.53 23.71 7.59
N GLU A 159 -41.29 24.17 8.81
CA GLU A 159 -39.97 24.66 9.19
C GLU A 159 -38.89 23.63 9.14
N LYS A 160 -39.22 22.40 9.52
CA LYS A 160 -38.24 21.33 9.59
C LYS A 160 -38.41 20.31 8.47
N THR A 161 -39.05 20.69 7.37
CA THR A 161 -39.32 19.72 6.32
C THR A 161 -39.13 20.27 4.91
N LEU A 162 -38.20 19.68 4.18
CA LEU A 162 -37.86 20.18 2.83
C LEU A 162 -38.16 19.10 1.82
N GLU A 163 -38.91 19.43 0.78
CA GLU A 163 -39.21 18.47 -0.26
C GLU A 163 -38.51 18.83 -1.56
N ILE A 164 -37.79 17.88 -2.14
CA ILE A 164 -37.19 18.05 -3.44
C ILE A 164 -37.75 17.01 -4.42
N THR A 165 -38.33 17.51 -5.50
CA THR A 165 -38.91 16.68 -6.55
C THR A 165 -37.93 16.62 -7.73
N LEU A 166 -37.53 15.40 -8.11
CA LEU A 166 -36.61 15.18 -9.24
C LEU A 166 -37.34 15.17 -10.57
N LYS A 167 -36.65 15.62 -11.59
CA LYS A 167 -37.09 15.54 -12.99
C LYS A 167 -37.37 14.07 -13.40
N SER A 168 -36.46 13.19 -13.00
CA SER A 168 -36.56 11.75 -13.23
C SER A 168 -35.77 11.06 -12.10
N PRO A 169 -36.07 9.80 -11.79
CA PRO A 169 -35.34 9.10 -10.74
C PRO A 169 -33.84 9.08 -10.97
N LYS A 170 -33.10 9.13 -9.86
CA LYS A 170 -31.66 9.16 -9.88
C LYS A 170 -31.17 8.56 -8.59
N PRO A 171 -30.66 7.31 -8.65
CA PRO A 171 -30.16 6.58 -7.48
C PRO A 171 -28.99 7.26 -6.80
N TYR A 172 -28.22 8.05 -7.55
CA TYR A 172 -27.11 8.81 -6.97
C TYR A 172 -27.48 10.22 -6.47
N PHE A 173 -28.73 10.61 -6.54
CA PHE A 173 -29.12 11.95 -6.00
C PHE A 173 -28.67 12.21 -4.55
N LEU A 174 -28.93 11.29 -3.64
CA LEU A 174 -28.50 11.51 -2.26
C LEU A 174 -26.99 11.82 -2.16
N ASP A 175 -26.16 11.10 -2.89
CA ASP A 175 -24.72 11.29 -2.78
C ASP A 175 -24.32 12.66 -3.35
N MET A 176 -25.13 13.12 -4.28
CA MET A 176 -25.02 14.40 -4.97
C MET A 176 -25.23 15.58 -4.04
N LEU A 177 -26.08 15.41 -3.02
CA LEU A 177 -26.37 16.47 -2.07
C LEU A 177 -25.18 16.91 -1.22
N VAL A 178 -24.12 16.10 -1.20
CA VAL A 178 -22.92 16.39 -0.45
C VAL A 178 -22.06 17.38 -1.22
N HIS A 179 -22.20 17.45 -2.54
CA HIS A 179 -21.48 18.39 -3.37
C HIS A 179 -21.88 19.84 -3.04
N GLN A 180 -20.88 20.73 -3.07
CA GLN A 180 -21.01 22.09 -2.57
C GLN A 180 -22.08 22.90 -3.25
N THR A 181 -22.29 22.70 -4.53
CA THR A 181 -23.37 23.36 -5.28
C THR A 181 -24.74 23.17 -4.62
N PHE A 182 -24.92 22.03 -3.95
CA PHE A 182 -26.14 21.71 -3.25
C PHE A 182 -26.17 22.11 -1.78
N ILE A 183 -25.07 22.65 -1.27
CA ILE A 183 -25.00 22.98 0.16
C ILE A 183 -25.68 24.32 0.39
N PRO A 184 -26.63 24.38 1.33
CA PRO A 184 -27.32 25.65 1.57
C PRO A 184 -26.40 26.72 2.13
N VAL A 185 -26.70 27.99 1.76
CA VAL A 185 -25.92 29.13 2.21
C VAL A 185 -26.83 30.13 2.92
N PRO A 186 -26.29 31.00 3.79
CA PRO A 186 -27.10 31.87 4.65
C PRO A 186 -27.65 33.13 3.95
N MET A 187 -28.90 33.04 3.54
CA MET A 187 -29.46 34.07 2.70
C MET A 187 -29.64 35.40 3.40
N HIS A 188 -29.89 35.41 4.71
CA HIS A 188 -29.98 36.67 5.47
C HIS A 188 -28.68 37.48 5.40
N VAL A 189 -27.55 36.77 5.33
CA VAL A 189 -26.23 37.39 5.34
C VAL A 189 -25.81 37.78 3.91
N ILE A 190 -26.12 36.95 2.93
CA ILE A 190 -25.91 37.29 1.52
C ILE A 190 -26.74 38.50 1.11
N GLU A 191 -28.02 38.50 1.48
CA GLU A 191 -28.89 39.64 1.23
C GLU A 191 -28.29 40.96 1.72
N LYS A 192 -27.67 40.90 2.89
CA LYS A 192 -27.10 42.04 3.56
C LYS A 192 -25.77 42.49 2.96
N TYR A 193 -24.84 41.54 2.84
CA TYR A 193 -23.45 41.83 2.48
C TYR A 193 -23.10 41.66 1.02
N GLY A 194 -23.97 41.00 0.24
CA GLY A 194 -23.71 40.74 -1.17
C GLY A 194 -22.35 40.08 -1.45
N GLN A 195 -21.60 40.67 -2.37
CA GLN A 195 -20.26 40.16 -2.76
C GLN A 195 -19.27 40.06 -1.60
N ARG A 196 -19.55 40.65 -0.44
CA ARG A 196 -18.61 40.61 0.69
C ARG A 196 -18.99 39.58 1.74
N TRP A 197 -20.02 38.77 1.47
CA TRP A 197 -20.55 37.87 2.49
C TRP A 197 -19.54 36.82 2.95
N THR A 198 -18.58 36.48 2.11
CA THR A 198 -17.63 35.44 2.51
C THR A 198 -16.37 35.94 3.23
N ASP A 199 -16.28 37.24 3.43
CA ASP A 199 -15.20 37.82 4.23
C ASP A 199 -15.29 37.28 5.67
N PRO A 200 -14.13 37.06 6.32
CA PRO A 200 -14.07 36.54 7.71
C PRO A 200 -15.10 37.16 8.68
N GLU A 201 -15.23 38.49 8.63
CA GLU A 201 -16.06 39.22 9.57
C GLU A 201 -17.55 39.08 9.27
N ASN A 202 -17.88 38.63 8.06
CA ASN A 202 -19.30 38.50 7.67
C ASN A 202 -19.79 37.08 7.53
N MET A 203 -18.92 36.17 7.11
CA MET A 203 -19.38 34.81 6.84
C MET A 203 -19.99 34.18 8.08
N VAL A 204 -21.15 33.54 7.95
CA VAL A 204 -21.70 32.74 9.03
C VAL A 204 -21.92 31.39 8.44
N VAL A 205 -21.85 30.35 9.26
CA VAL A 205 -21.73 28.99 8.75
C VAL A 205 -22.62 28.04 9.53
N SER A 206 -22.77 26.82 9.00
CA SER A 206 -23.60 25.77 9.58
C SER A 206 -22.80 24.57 10.09
N GLY A 207 -21.52 24.50 9.74
CA GLY A 207 -20.72 23.30 10.03
C GLY A 207 -19.80 23.47 11.23
N PRO A 208 -18.87 22.52 11.41
CA PRO A 208 -17.96 22.41 12.57
C PRO A 208 -17.01 23.58 12.77
N PHE A 209 -16.63 24.26 11.68
CA PHE A 209 -15.74 25.44 11.74
C PHE A 209 -16.28 26.72 11.05
N LYS A 210 -15.98 27.85 11.67
CA LYS A 210 -16.22 29.20 11.13
C LYS A 210 -14.90 29.74 10.51
N LEU A 211 -15.00 30.84 9.76
CA LEU A 211 -13.85 31.53 9.15
C LEU A 211 -13.35 32.66 10.06
N LYS A 212 -12.25 32.42 10.76
CA LYS A 212 -11.71 33.38 11.71
C LYS A 212 -10.99 34.47 10.97
N SER A 213 -10.12 34.08 10.05
CA SER A 213 -9.34 35.10 9.32
C SER A 213 -8.70 34.52 8.06
N ARG A 214 -8.02 35.39 7.35
CA ARG A 214 -7.46 35.03 6.09
C ARG A 214 -6.38 36.00 5.70
N VAL A 215 -5.21 35.48 5.33
CA VAL A 215 -4.21 36.31 4.66
C VAL A 215 -4.10 35.87 3.20
N LEU A 216 -4.43 36.78 2.27
CA LEU A 216 -4.43 36.41 0.84
C LEU A 216 -3.10 35.80 0.39
N ASN A 217 -3.21 34.68 -0.31
CA ASN A 217 -2.08 33.91 -0.84
C ASN A 217 -1.17 33.31 0.20
N GLU A 218 -1.69 33.14 1.41
CA GLU A 218 -0.89 32.68 2.51
C GLU A 218 -1.62 31.69 3.42
N LYS A 219 -2.76 32.10 3.97
CA LYS A 219 -3.44 31.33 5.02
C LYS A 219 -4.95 31.47 5.02
N VAL A 220 -5.65 30.39 5.34
CA VAL A 220 -7.07 30.46 5.65
C VAL A 220 -7.17 29.84 7.05
N VAL A 221 -7.63 30.63 8.02
CA VAL A 221 -7.73 30.18 9.40
C VAL A 221 -9.19 29.95 9.74
N LEU A 222 -9.48 28.72 10.12
CA LEU A 222 -10.80 28.33 10.61
C LEU A 222 -10.78 28.22 12.11
N GLU A 223 -11.89 28.57 12.78
CA GLU A 223 -12.00 28.30 14.19
C GLU A 223 -13.29 27.54 14.51
N LYS A 224 -13.25 26.78 15.60
CA LYS A 224 -14.39 26.00 16.04
C LYS A 224 -15.64 26.88 16.11
N ASN A 225 -16.74 26.36 15.53
CA ASN A 225 -18.06 26.98 15.60
C ASN A 225 -18.89 26.28 16.68
N ASN A 226 -19.14 26.98 17.78
CA ASN A 226 -19.83 26.41 18.92
C ASN A 226 -21.25 25.97 18.64
N LYS A 227 -21.89 26.59 17.65
CA LYS A 227 -23.30 26.36 17.37
C LYS A 227 -23.53 25.16 16.41
N TYR A 228 -22.44 24.54 15.97
CA TYR A 228 -22.54 23.34 15.16
C TYR A 228 -23.35 22.32 15.95
N TYR A 229 -24.28 21.61 15.30
CA TYR A 229 -25.22 20.75 16.05
C TYR A 229 -24.47 19.69 16.86
N ASN A 230 -23.31 19.28 16.36
CA ASN A 230 -22.48 18.27 17.00
C ASN A 230 -21.12 18.81 17.43
N SER A 231 -21.07 20.07 17.89
CA SER A 231 -19.83 20.68 18.39
C SER A 231 -19.17 19.88 19.54
N LYS A 232 -20.00 19.19 20.32
CA LYS A 232 -19.64 18.12 21.25
C LYS A 232 -18.44 17.26 20.84
N ASP A 233 -18.37 16.89 19.56
CA ASP A 233 -17.35 15.96 19.08
C ASP A 233 -16.23 16.69 18.35
N VAL A 234 -16.15 18.01 18.49
CA VAL A 234 -15.09 18.77 17.83
C VAL A 234 -14.09 19.20 18.90
N VAL A 235 -12.92 18.60 18.85
CA VAL A 235 -11.88 18.86 19.82
C VAL A 235 -10.93 20.00 19.37
N LEU A 236 -10.66 20.11 18.08
CA LEU A 236 -9.75 21.16 17.57
C LEU A 236 -10.35 22.54 17.79
N ASP A 237 -9.53 23.49 18.21
CA ASP A 237 -9.98 24.90 18.30
C ASP A 237 -9.78 25.62 16.99
N SER A 238 -8.81 25.14 16.20
CA SER A 238 -8.46 25.81 14.99
C SER A 238 -7.83 24.91 13.93
N ILE A 239 -8.13 25.22 12.66
CA ILE A 239 -7.44 24.60 11.55
C ILE A 239 -6.83 25.70 10.73
N ILE A 240 -5.54 25.57 10.40
CA ILE A 240 -4.89 26.50 9.50
C ILE A 240 -4.53 25.84 8.17
N PHE A 241 -5.13 26.33 7.09
CA PHE A 241 -4.77 25.93 5.72
C PHE A 241 -3.65 26.82 5.24
N PHE A 242 -2.45 26.26 5.09
CA PHE A 242 -1.34 26.98 4.50
C PHE A 242 -1.35 26.81 3.01
N VAL A 243 -1.33 27.93 2.32
CA VAL A 243 -1.30 27.95 0.88
C VAL A 243 0.15 28.06 0.45
N THR A 244 0.49 27.33 -0.60
CA THR A 244 1.76 27.48 -1.32
C THR A 244 1.78 26.41 -2.40
N ASP A 245 2.24 26.83 -3.60
CA ASP A 245 2.44 26.01 -4.79
C ASP A 245 3.75 25.24 -4.75
N ASN A 246 4.63 25.64 -3.82
CA ASN A 246 5.95 25.06 -3.69
C ASN A 246 5.96 23.83 -2.73
N SER A 247 5.83 22.63 -3.31
CA SER A 247 5.87 21.40 -2.52
C SER A 247 7.12 21.26 -1.62
N ILE A 248 8.27 21.78 -2.05
CA ILE A 248 9.49 21.70 -1.26
C ILE A 248 9.39 22.57 -0.02
N THR A 249 8.76 23.73 -0.14
CA THR A 249 8.59 24.60 1.02
C THR A 249 7.70 23.88 2.02
N ALA A 250 6.56 23.42 1.51
CA ALA A 250 5.65 22.62 2.31
C ALA A 250 6.33 21.41 2.96
N TYR A 251 7.17 20.71 2.21
CA TYR A 251 7.80 19.51 2.74
C TYR A 251 8.82 19.86 3.84
N ASN A 252 9.52 20.98 3.67
CA ASN A 252 10.52 21.43 4.65
C ASN A 252 9.83 21.89 5.92
N MET A 253 8.68 22.53 5.78
CA MET A 253 7.88 22.90 6.94
C MET A 253 7.37 21.68 7.72
N TYR A 254 7.04 20.62 6.99
CA TYR A 254 6.53 19.42 7.59
C TYR A 254 7.65 18.66 8.35
N LEU A 255 8.85 18.61 7.77
CA LEU A 255 10.02 18.01 8.39
C LEU A 255 10.52 18.77 9.60
N ASN A 256 10.21 20.07 9.67
CA ASN A 256 10.58 20.92 10.82
C ASN A 256 9.39 21.15 11.77
N ASP A 257 8.41 20.26 11.74
CA ASP A 257 7.30 20.26 12.71
C ASP A 257 6.41 21.50 12.61
N GLU A 258 6.27 22.09 11.42
CA GLU A 258 5.42 23.31 11.25
C GLU A 258 4.14 23.02 10.44
N LEU A 259 3.99 21.78 10.00
CA LEU A 259 2.75 21.33 9.39
C LEU A 259 2.41 19.96 9.95
N ASP A 260 1.13 19.75 10.25
CA ASP A 260 0.64 18.47 10.68
C ASP A 260 0.34 17.56 9.51
N ALA A 261 0.20 18.14 8.31
CA ALA A 261 -0.15 17.36 7.14
C ALA A 261 0.06 18.09 5.85
N ILE A 262 0.25 17.31 4.78
CA ILE A 262 0.30 17.82 3.42
C ILE A 262 -0.61 16.93 2.56
N PHE A 263 -1.66 17.51 1.99
CA PHE A 263 -2.60 16.73 1.17
C PHE A 263 -2.24 16.93 -0.28
N LYS A 264 -1.85 15.83 -0.93
CA LYS A 264 -1.65 15.80 -2.38
C LYS A 264 -0.36 16.50 -2.84
N ASN A 265 -0.07 17.68 -2.28
CA ASN A 265 1.04 18.53 -2.74
C ASN A 265 2.41 18.09 -2.22
N VAL A 266 2.77 16.82 -2.42
CA VAL A 266 4.07 16.29 -1.99
C VAL A 266 5.16 16.48 -3.07
N PRO A 267 6.44 16.41 -2.68
CA PRO A 267 7.45 16.60 -3.71
C PRO A 267 7.51 15.40 -4.64
N PRO A 268 7.13 15.60 -5.93
CA PRO A 268 7.00 14.50 -6.89
C PRO A 268 8.32 13.78 -7.12
N ASP A 269 9.43 14.50 -6.99
CA ASP A 269 10.77 13.92 -7.06
C ASP A 269 11.17 13.02 -5.89
N LEU A 270 10.55 13.20 -4.71
CA LEU A 270 11.03 12.49 -3.51
C LEU A 270 10.14 11.31 -3.17
N LEU A 271 9.26 10.98 -4.10
CA LEU A 271 8.22 9.98 -3.90
C LEU A 271 8.75 8.58 -3.60
N LYS A 272 9.88 8.20 -4.21
CA LYS A 272 10.53 6.91 -3.93
C LYS A 272 10.81 6.77 -2.45
N ASP A 273 11.26 7.87 -1.84
CA ASP A 273 11.57 7.90 -0.40
C ASP A 273 10.30 8.00 0.47
N LEU A 274 9.37 8.85 0.09
CA LEU A 274 8.16 9.07 0.90
C LEU A 274 7.39 7.77 1.15
N LYS A 275 7.24 6.94 0.12
CA LYS A 275 6.52 5.66 0.27
C LYS A 275 7.03 4.82 1.44
N LEU A 276 8.33 4.92 1.75
CA LEU A 276 8.92 4.16 2.86
C LEU A 276 8.54 4.68 4.24
N ARG A 277 8.00 5.89 4.32
CA ARG A 277 7.74 6.52 5.62
C ARG A 277 6.44 6.03 6.20
N ASP A 278 6.36 6.13 7.51
CA ASP A 278 5.23 5.63 8.26
C ASP A 278 4.07 6.64 8.28
N ASP A 279 4.33 7.85 7.81
CA ASP A 279 3.34 8.91 7.82
C ASP A 279 2.87 9.25 6.42
N TYR A 280 3.18 8.37 5.46
CA TYR A 280 2.77 8.55 4.07
C TYR A 280 1.57 7.66 3.78
N TYR A 281 0.64 8.20 3.01
CA TYR A 281 -0.59 7.52 2.64
C TYR A 281 -0.81 7.68 1.15
N SER A 282 -1.57 6.76 0.57
CA SER A 282 -1.80 6.77 -0.86
C SER A 282 -3.04 5.99 -1.15
N MET A 283 -3.86 6.49 -2.07
CA MET A 283 -5.06 5.80 -2.46
C MET A 283 -5.47 6.16 -3.87
N GLY A 284 -5.97 5.15 -4.58
CA GLY A 284 -6.72 5.37 -5.81
C GLY A 284 -7.98 6.18 -5.50
N ILE A 285 -8.21 7.28 -6.21
CA ILE A 285 -9.43 8.09 -5.98
C ILE A 285 -10.30 8.18 -7.24
N ASN A 286 -11.53 8.68 -7.09
CA ASN A 286 -12.43 8.85 -8.22
C ASN A 286 -12.13 10.14 -8.95
N SER A 287 -10.97 10.18 -9.56
CA SER A 287 -10.48 11.41 -10.14
C SER A 287 -9.61 11.03 -11.33
N THR A 288 -9.64 11.83 -12.39
CA THR A 288 -8.93 11.54 -13.62
C THR A 288 -7.97 12.66 -13.98
N SER A 289 -6.95 12.28 -14.75
CA SER A 289 -6.06 13.23 -15.42
C SER A 289 -6.25 13.11 -16.94
N PHE A 290 -6.55 14.24 -17.58
CA PHE A 290 -6.59 14.32 -19.03
C PHE A 290 -6.14 15.71 -19.48
N TYR A 291 -5.73 15.85 -20.74
CA TYR A 291 -5.41 17.16 -21.30
C TYR A 291 -6.55 17.59 -22.22
N SER A 292 -7.16 18.74 -21.95
CA SER A 292 -8.20 19.28 -22.80
C SER A 292 -7.61 19.98 -24.01
N LEU A 293 -8.44 20.04 -25.06
CA LEU A 293 -8.05 20.53 -26.38
C LEU A 293 -9.14 21.50 -26.83
N ASN A 294 -8.75 22.72 -27.17
CA ASN A 294 -9.68 23.72 -27.63
C ASN A 294 -10.02 23.44 -29.08
N MET A 295 -11.26 22.98 -29.31
CA MET A 295 -11.71 22.60 -30.65
C MET A 295 -11.78 23.78 -31.60
N LYS A 296 -11.78 24.99 -31.07
CA LYS A 296 -11.77 26.21 -31.88
C LYS A 296 -10.35 26.64 -32.23
N VAL A 297 -9.32 25.93 -31.77
CA VAL A 297 -7.94 26.33 -32.09
C VAL A 297 -7.37 25.33 -33.07
N LYS A 298 -6.95 25.81 -34.24
CA LYS A 298 -6.42 24.91 -35.24
C LYS A 298 -4.99 24.49 -34.92
N PRO A 299 -4.62 23.21 -35.22
CA PRO A 299 -5.37 22.15 -35.88
C PRO A 299 -6.03 21.15 -34.92
N LEU A 300 -6.44 21.61 -33.73
CA LEU A 300 -7.05 20.73 -32.76
C LEU A 300 -8.49 20.35 -33.14
N ASP A 301 -9.03 21.03 -34.15
CA ASP A 301 -10.30 20.68 -34.75
C ASP A 301 -10.20 19.46 -35.67
N ASN A 302 -8.99 18.93 -35.85
CA ASN A 302 -8.73 17.80 -36.74
C ASN A 302 -8.63 16.51 -35.92
N VAL A 303 -9.62 15.63 -36.08
CA VAL A 303 -9.71 14.41 -35.25
C VAL A 303 -8.42 13.60 -35.28
N LYS A 304 -7.82 13.50 -36.47
CA LYS A 304 -6.52 12.86 -36.68
C LYS A 304 -5.40 13.48 -35.86
N VAL A 305 -5.39 14.81 -35.77
CA VAL A 305 -4.42 15.48 -34.89
C VAL A 305 -4.68 15.08 -33.42
N ARG A 306 -5.92 15.19 -32.99
CA ARG A 306 -6.29 14.82 -31.62
C ARG A 306 -5.89 13.38 -31.31
N LYS A 307 -6.12 12.48 -32.25
CA LYS A 307 -5.80 11.05 -32.07
C LYS A 307 -4.27 10.82 -31.97
N ALA A 308 -3.52 11.44 -32.88
CA ALA A 308 -2.06 11.46 -32.86
C ALA A 308 -1.49 11.91 -31.53
N LEU A 309 -2.00 13.01 -30.99
CA LEU A 309 -1.53 13.48 -29.70
C LEU A 309 -1.81 12.43 -28.63
N SER A 310 -2.99 11.82 -28.68
CA SER A 310 -3.38 10.84 -27.66
C SER A 310 -2.55 9.56 -27.75
N PHE A 311 -2.39 9.03 -28.94
CA PHE A 311 -1.59 7.82 -29.16
C PHE A 311 -0.07 8.02 -29.02
N ALA A 312 0.40 9.26 -29.16
CA ALA A 312 1.83 9.56 -29.02
C ALA A 312 2.34 9.62 -27.56
N ILE A 313 1.45 9.49 -26.56
CA ILE A 313 1.88 9.51 -25.15
C ILE A 313 2.05 8.11 -24.56
N ASP A 314 3.21 7.81 -24.00
CA ASP A 314 3.43 6.53 -23.33
C ASP A 314 2.87 6.60 -21.89
N ARG A 315 1.62 6.18 -21.72
CA ARG A 315 0.89 6.31 -20.46
C ARG A 315 1.47 5.52 -19.31
N LYS A 316 1.90 4.29 -19.59
CA LYS A 316 2.53 3.43 -18.57
C LYS A 316 3.80 4.07 -18.01
N THR A 317 4.64 4.60 -18.89
CA THR A 317 5.88 5.26 -18.45
C THR A 317 5.56 6.48 -17.60
N LEU A 318 4.47 7.19 -17.94
CA LEU A 318 4.05 8.35 -17.16
C LEU A 318 3.70 7.96 -15.73
N THR A 319 2.91 6.89 -15.57
CA THR A 319 2.52 6.45 -14.23
C THR A 319 3.70 5.79 -13.47
N GLU A 320 4.57 5.04 -14.15
CA GLU A 320 5.62 4.28 -13.42
C GLU A 320 6.96 5.01 -13.22
N SER A 321 7.27 5.98 -14.06
CA SER A 321 8.56 6.69 -13.99
C SER A 321 8.43 8.16 -13.62
N VAL A 322 7.30 8.78 -13.89
CA VAL A 322 7.14 10.22 -13.60
C VAL A 322 6.26 10.51 -12.39
N LEU A 323 5.08 9.93 -12.36
CA LEU A 323 4.23 10.00 -11.19
C LEU A 323 4.77 9.05 -10.14
N ASN A 324 5.11 7.84 -10.56
CA ASN A 324 5.61 6.80 -9.68
C ASN A 324 4.70 6.65 -8.45
N ASP A 325 3.39 6.68 -8.67
N ASP A 325 3.39 6.58 -8.68
CA ASP A 325 2.47 6.64 -7.53
CA ASP A 325 2.46 6.71 -7.54
C ASP A 325 1.79 5.29 -7.40
C ASP A 325 1.24 5.79 -7.49
N SER A 326 1.10 4.87 -8.46
CA SER A 326 0.05 3.82 -8.41
C SER A 326 -1.21 4.27 -9.16
N SER A 327 -1.18 5.45 -9.74
CA SER A 327 -2.17 5.84 -10.70
C SER A 327 -2.28 4.81 -11.80
N ILE A 328 -3.48 4.65 -12.34
CA ILE A 328 -3.74 3.66 -13.35
C ILE A 328 -3.69 4.34 -14.72
N PRO A 329 -2.74 3.94 -15.58
CA PRO A 329 -2.75 4.48 -16.94
C PRO A 329 -3.98 4.00 -17.71
N THR A 330 -4.60 4.87 -18.49
CA THR A 330 -5.90 4.54 -19.12
C THR A 330 -6.24 5.42 -20.35
N ARG A 331 -7.05 4.85 -21.24
CA ARG A 331 -7.68 5.58 -22.31
C ARG A 331 -9.10 5.96 -21.93
N ARG A 332 -9.54 5.48 -20.76
CA ARG A 332 -10.89 5.74 -20.24
C ARG A 332 -11.08 7.16 -19.76
N ALA A 333 -12.34 7.59 -19.84
CA ALA A 333 -12.77 8.90 -19.36
C ALA A 333 -13.37 8.88 -17.95
N THR A 334 -13.76 7.69 -17.47
CA THR A 334 -14.35 7.57 -16.14
C THR A 334 -13.61 6.53 -15.31
N PRO A 335 -13.61 6.68 -13.99
CA PRO A 335 -13.22 5.56 -13.16
C PRO A 335 -14.26 4.45 -13.29
N ASP A 336 -13.94 3.27 -12.75
CA ASP A 336 -14.90 2.18 -12.62
C ASP A 336 -15.72 2.38 -11.35
N TYR A 337 -16.97 1.95 -11.38
CA TYR A 337 -17.86 1.95 -10.20
C TYR A 337 -18.54 0.59 -10.14
N ILE A 338 -19.18 0.30 -9.01
CA ILE A 338 -19.84 -1.00 -8.79
C ILE A 338 -20.74 -1.42 -9.97
N ASP A 339 -21.53 -0.46 -10.48
CA ASP A 339 -22.43 -0.70 -11.59
C ASP A 339 -21.88 -0.25 -12.95
N TYR A 340 -20.61 0.16 -13.02
CA TYR A 340 -20.03 0.63 -14.26
C TYR A 340 -18.54 0.29 -14.33
N SER A 341 -18.25 -0.92 -14.76
CA SER A 341 -16.88 -1.40 -14.80
C SER A 341 -16.72 -2.40 -15.90
N TYR A 342 -15.55 -2.37 -16.51
CA TYR A 342 -15.25 -3.16 -17.69
C TYR A 342 -13.81 -2.88 -18.09
N LYS A 343 -13.27 -3.76 -18.90
CA LYS A 343 -11.90 -3.69 -19.32
C LYS A 343 -11.93 -3.27 -20.78
N SER A 344 -11.46 -2.08 -21.10
CA SER A 344 -11.33 -1.73 -22.52
C SER A 344 -10.06 -2.42 -23.06
N ASN A 345 -10.12 -2.88 -24.30
CA ASN A 345 -8.95 -3.50 -24.94
C ASN A 345 -7.98 -2.47 -25.52
N LEU A 346 -8.13 -1.20 -25.14
CA LEU A 346 -7.59 -0.09 -25.93
C LEU A 346 -6.09 0.13 -25.72
N SER A 347 -5.40 0.43 -26.80
CA SER A 347 -3.94 0.60 -26.72
C SER A 347 -3.57 1.85 -25.86
N LEU A 348 -2.65 1.66 -24.93
CA LEU A 348 -2.22 2.75 -24.06
C LEU A 348 -1.21 3.66 -24.72
N PHE A 349 -0.68 3.26 -25.87
CA PHE A 349 0.44 3.95 -26.49
C PHE A 349 0.72 3.34 -27.85
N ASP A 350 0.80 4.16 -28.90
CA ASP A 350 1.23 3.66 -30.24
C ASP A 350 1.82 4.75 -31.10
N ALA A 351 3.14 4.86 -31.02
CA ALA A 351 3.86 5.92 -31.68
C ALA A 351 3.78 5.84 -33.20
N GLU A 352 3.80 4.63 -33.76
CA GLU A 352 3.75 4.46 -35.21
C GLU A 352 2.41 4.91 -35.77
N MET A 353 1.34 4.50 -35.10
CA MET A 353 0.02 4.91 -35.51
C MET A 353 -0.17 6.42 -35.31
N ALA A 354 0.38 6.99 -34.25
CA ALA A 354 0.35 8.45 -34.03
C ALA A 354 0.99 9.23 -35.21
N LYS A 355 2.18 8.82 -35.59
CA LYS A 355 2.88 9.39 -36.74
C LYS A 355 2.09 9.32 -38.04
N LYS A 356 1.43 8.20 -38.23
CA LYS A 356 0.70 7.94 -39.45
C LYS A 356 -0.51 8.90 -39.56
N LEU A 357 -1.25 9.02 -38.45
CA LEU A 357 -2.39 9.95 -38.38
C LEU A 357 -1.91 11.36 -38.59
N LEU A 358 -0.79 11.70 -37.99
CA LEU A 358 -0.31 13.08 -38.10
C LEU A 358 0.12 13.35 -39.56
N ALA A 359 0.83 12.41 -40.19
CA ALA A 359 1.15 12.55 -41.63
C ALA A 359 -0.11 12.70 -42.47
N ASP A 360 -1.09 11.82 -42.28
CA ASP A 360 -2.39 11.92 -42.99
C ASP A 360 -3.13 13.24 -42.71
N ALA A 361 -2.87 13.86 -41.56
CA ALA A 361 -3.50 15.13 -41.22
C ALA A 361 -2.85 16.29 -41.97
N GLY A 362 -1.67 16.08 -42.54
CA GLY A 362 -0.98 17.13 -43.31
C GLY A 362 0.33 17.63 -42.70
N TYR A 363 0.85 16.93 -41.69
CA TYR A 363 2.08 17.34 -40.98
C TYR A 363 3.09 16.20 -40.93
N PRO A 364 3.53 15.71 -42.10
CA PRO A 364 4.45 14.59 -42.05
C PRO A 364 5.74 14.99 -41.31
N ASN A 365 6.25 14.07 -40.50
CA ASN A 365 7.37 14.33 -39.58
C ASN A 365 7.27 15.67 -38.84
N GLY A 366 6.03 16.11 -38.61
CA GLY A 366 5.76 17.34 -37.92
C GLY A 366 5.77 18.61 -38.74
N ASN A 367 6.09 18.53 -40.03
CA ASN A 367 6.20 19.73 -40.89
C ASN A 367 4.94 20.61 -40.87
N ASN A 368 5.15 21.91 -40.66
CA ASN A 368 4.07 22.88 -40.60
C ASN A 368 3.11 22.75 -39.44
N PHE A 369 3.36 21.86 -38.48
CA PHE A 369 2.60 21.86 -37.23
C PHE A 369 2.85 23.17 -36.46
N PRO A 370 1.79 23.90 -36.09
CA PRO A 370 2.05 25.18 -35.41
C PRO A 370 2.55 25.03 -33.98
N LEU A 371 3.11 26.10 -33.45
CA LEU A 371 3.56 26.14 -32.08
C LEU A 371 2.37 26.36 -31.15
N LEU A 372 1.83 25.30 -30.55
CA LEU A 372 0.77 25.43 -29.55
C LEU A 372 1.29 25.59 -28.09
N LYS A 373 0.53 26.32 -27.26
CA LYS A 373 0.90 26.53 -25.85
C LYS A 373 0.16 25.54 -25.00
N VAL A 374 0.89 24.87 -24.10
CA VAL A 374 0.28 23.97 -23.17
C VAL A 374 0.24 24.63 -21.80
N LYS A 375 -0.96 24.91 -21.30
CA LYS A 375 -1.14 25.55 -19.99
C LYS A 375 -1.30 24.51 -18.90
N TYR A 376 -0.82 24.84 -17.72
CA TYR A 376 -1.05 23.99 -16.54
C TYR A 376 -1.08 24.85 -15.27
N ASN A 377 -1.65 24.33 -14.19
CA ASN A 377 -1.72 25.10 -12.95
C ASN A 377 -0.37 25.03 -12.23
N THR A 378 0.09 26.15 -11.69
CA THR A 378 1.37 26.19 -10.98
C THR A 378 1.35 25.05 -9.97
N SER A 379 2.33 24.17 -10.09
CA SER A 379 2.41 22.98 -9.26
C SER A 379 3.63 22.25 -9.73
N ASP A 380 4.44 21.80 -8.81
CA ASP A 380 5.63 20.98 -9.13
C ASP A 380 5.29 19.67 -9.83
N SER A 381 4.25 19.02 -9.35
CA SER A 381 3.78 17.79 -10.01
C SER A 381 3.36 18.05 -11.47
N GLN A 382 2.55 19.09 -11.67
CA GLN A 382 1.96 19.33 -12.98
C GLN A 382 3.01 19.73 -13.97
N ARG A 383 4.02 20.45 -13.49
CA ARG A 383 5.16 20.83 -14.31
CA ARG A 383 5.11 20.83 -14.37
C ARG A 383 5.85 19.61 -14.88
N LYS A 384 6.14 18.63 -13.99
CA LYS A 384 6.87 17.44 -14.39
C LYS A 384 6.03 16.68 -15.43
N ILE A 385 4.72 16.56 -15.19
CA ILE A 385 3.85 15.86 -16.13
C ILE A 385 3.86 16.60 -17.47
N ALA A 386 3.71 17.91 -17.45
CA ALA A 386 3.71 18.70 -18.71
C ALA A 386 5.02 18.58 -19.49
N GLU A 387 6.14 18.53 -18.77
CA GLU A 387 7.44 18.34 -19.39
C GLU A 387 7.58 16.95 -20.03
N PHE A 388 7.05 15.93 -19.37
CA PHE A 388 7.00 14.58 -19.97
C PHE A 388 6.15 14.57 -21.25
N ILE A 389 4.97 15.20 -21.19
CA ILE A 389 4.08 15.25 -22.35
C ILE A 389 4.78 16.00 -23.49
N GLN A 390 5.43 17.12 -23.17
CA GLN A 390 6.12 17.92 -24.17
C GLN A 390 7.15 17.07 -24.92
N ASN A 391 7.94 16.33 -24.13
CA ASN A 391 8.95 15.42 -24.61
C ASN A 391 8.40 14.23 -25.41
N GLN A 392 7.25 13.71 -25.03
CA GLN A 392 6.62 12.65 -25.80
C GLN A 392 6.23 13.16 -27.19
N TRP A 393 5.54 14.29 -27.26
CA TRP A 393 5.23 14.91 -28.55
C TRP A 393 6.46 15.28 -29.42
N LYS A 394 7.52 15.76 -28.79
CA LYS A 394 8.72 16.06 -29.54
C LYS A 394 9.35 14.77 -30.07
N LYS A 395 9.64 13.83 -29.19
CA LYS A 395 10.22 12.55 -29.58
C LYS A 395 9.38 11.72 -30.56
N ASN A 396 8.08 11.58 -30.34
CA ASN A 396 7.29 10.64 -31.16
C ASN A 396 6.62 11.24 -32.38
N LEU A 397 6.40 12.54 -32.34
CA LEU A 397 5.69 13.23 -33.40
C LEU A 397 6.54 14.33 -34.06
N ASN A 398 7.68 14.69 -33.44
CA ASN A 398 8.48 15.82 -33.87
C ASN A 398 7.69 17.12 -33.94
N ILE A 399 6.79 17.33 -32.99
CA ILE A 399 6.17 18.64 -32.82
C ILE A 399 6.63 19.30 -31.52
N ASN A 400 6.63 20.64 -31.54
CA ASN A 400 7.06 21.48 -30.42
C ASN A 400 5.91 22.24 -29.77
N VAL A 401 5.84 22.16 -28.45
CA VAL A 401 4.87 22.93 -27.72
C VAL A 401 5.61 23.79 -26.71
N GLN A 402 4.97 24.86 -26.25
CA GLN A 402 5.54 25.72 -25.20
C GLN A 402 4.71 25.59 -23.95
N LEU A 403 5.37 25.50 -22.81
CA LEU A 403 4.70 25.33 -21.53
C LEU A 403 4.48 26.67 -20.85
N GLU A 404 3.40 26.77 -20.10
CA GLU A 404 3.00 27.98 -19.47
C GLU A 404 2.18 27.70 -18.22
N ASN A 405 2.67 28.17 -17.07
CA ASN A 405 1.93 28.00 -15.82
C ASN A 405 1.00 29.18 -15.51
N GLU A 406 -0.09 28.87 -14.83
CA GLU A 406 -0.99 29.88 -14.28
C GLU A 406 -1.32 29.57 -12.83
N GLU A 407 -1.45 30.62 -12.04
CA GLU A 407 -1.92 30.52 -10.68
C GLU A 407 -3.36 29.95 -10.73
N TRP A 408 -3.71 29.23 -9.68
CA TRP A 408 -4.91 28.45 -9.58
C TRP A 408 -6.17 29.17 -10.07
N SER A 409 -6.43 30.39 -9.60
CA SER A 409 -7.62 31.15 -10.03
C SER A 409 -7.61 31.47 -11.50
N THR A 410 -6.46 31.86 -12.02
CA THR A 410 -6.33 32.17 -13.43
C THR A 410 -6.50 30.88 -14.25
N TYR A 411 -5.92 29.78 -13.76
CA TYR A 411 -6.05 28.48 -14.44
C TYR A 411 -7.51 28.04 -14.59
N ILE A 412 -8.29 28.21 -13.54
CA ILE A 412 -9.71 27.89 -13.57
C ILE A 412 -10.45 28.80 -14.54
N ASN A 413 -10.12 30.09 -14.51
CA ASN A 413 -10.72 31.04 -15.44
C ASN A 413 -10.39 30.64 -16.88
N SER A 414 -9.18 30.14 -17.12
CA SER A 414 -8.79 29.74 -18.46
C SER A 414 -9.60 28.54 -18.96
N ARG A 415 -9.79 27.54 -18.09
CA ARG A 415 -10.52 26.35 -18.47
C ARG A 415 -11.99 26.69 -18.80
N VAL A 416 -12.61 27.43 -17.89
CA VAL A 416 -13.99 27.81 -17.99
C VAL A 416 -14.31 28.71 -19.20
N ASN A 417 -13.39 29.59 -19.57
CA ASN A 417 -13.66 30.57 -20.65
C ASN A 417 -13.02 30.16 -21.97
N GLY A 418 -12.33 29.03 -21.97
CA GLY A 418 -11.75 28.51 -23.20
C GLY A 418 -10.48 29.23 -23.60
N ASN A 419 -9.82 29.87 -22.63
CA ASN A 419 -8.66 30.70 -22.94
C ASN A 419 -7.41 29.83 -22.85
N TYR A 420 -7.28 28.98 -23.86
CA TYR A 420 -6.21 28.03 -23.96
C TYR A 420 -6.22 27.35 -25.31
N GLU A 421 -5.13 26.64 -25.59
CA GLU A 421 -4.97 25.88 -26.80
C GLU A 421 -4.98 24.42 -26.35
N ILE A 422 -3.96 24.01 -25.60
CA ILE A 422 -3.95 22.75 -24.85
C ILE A 422 -3.84 23.11 -23.35
N ILE A 423 -4.58 22.43 -22.49
CA ILE A 423 -4.47 22.73 -21.07
C ILE A 423 -4.59 21.46 -20.25
N ARG A 424 -3.60 21.27 -19.35
CA ARG A 424 -3.70 20.20 -18.38
C ARG A 424 -5.03 20.28 -17.65
N SER A 425 -5.67 19.14 -17.47
CA SER A 425 -7.05 19.16 -17.04
C SER A 425 -7.31 17.90 -16.23
N GLY A 426 -8.56 17.44 -16.20
CA GLY A 426 -8.94 16.36 -15.31
C GLY A 426 -10.11 16.80 -14.44
N TRP A 427 -10.63 15.82 -13.69
CA TRP A 427 -11.90 16.00 -13.05
C TRP A 427 -11.93 15.11 -11.85
N SER A 428 -12.40 15.65 -10.76
CA SER A 428 -12.66 14.90 -9.58
C SER A 428 -14.17 14.73 -9.49
N GLY A 429 -14.61 13.48 -9.38
CA GLY A 429 -16.02 13.10 -9.28
C GLY A 429 -16.74 13.81 -8.16
N ASP A 430 -17.92 14.31 -8.48
CA ASP A 430 -18.74 15.05 -7.54
C ASP A 430 -19.76 14.13 -6.89
N TYR A 431 -19.94 12.93 -7.42
CA TYR A 431 -20.88 11.96 -6.86
C TYR A 431 -20.55 10.58 -7.40
N ALA A 432 -21.09 9.54 -6.77
CA ALA A 432 -20.66 8.15 -7.00
C ALA A 432 -21.37 7.52 -8.21
N ASP A 433 -21.18 8.07 -9.40
CA ASP A 433 -21.77 7.51 -10.63
C ASP A 433 -20.97 8.04 -11.83
N PRO A 434 -20.71 7.19 -12.82
CA PRO A 434 -19.95 7.63 -13.98
C PRO A 434 -20.49 8.93 -14.65
N MET A 435 -21.75 9.28 -14.46
CA MET A 435 -22.28 10.49 -15.07
C MET A 435 -21.53 11.78 -14.68
N THR A 436 -20.92 11.84 -13.50
CA THR A 436 -20.23 13.04 -13.09
C THR A 436 -19.09 13.32 -14.09
N PHE A 437 -18.46 12.26 -14.58
CA PHE A 437 -17.46 12.40 -15.64
C PHE A 437 -18.00 12.58 -17.06
N LEU A 438 -19.00 11.79 -17.42
CA LEU A 438 -19.48 11.84 -18.80
C LEU A 438 -20.23 13.15 -19.08
N SER A 439 -20.79 13.72 -18.03
CA SER A 439 -21.49 14.97 -18.11
C SER A 439 -20.66 16.18 -18.61
N ILE A 440 -19.36 16.22 -18.31
CA ILE A 440 -18.53 17.36 -18.68
C ILE A 440 -18.25 17.46 -20.17
N PHE A 441 -18.48 16.37 -20.87
CA PHE A 441 -18.41 16.35 -22.33
C PHE A 441 -19.76 16.58 -23.05
N GLN A 442 -20.86 16.76 -22.30
CA GLN A 442 -22.10 17.21 -22.94
C GLN A 442 -21.89 18.62 -23.45
N THR A 443 -22.46 18.94 -24.59
CA THR A 443 -22.23 20.22 -25.29
C THR A 443 -22.24 21.40 -24.34
N GLU A 444 -23.24 21.45 -23.47
CA GLU A 444 -23.46 22.63 -22.63
C GLU A 444 -22.48 22.76 -21.47
N ASN A 445 -21.68 21.72 -21.19
CA ASN A 445 -20.80 21.74 -19.99
C ASN A 445 -19.30 21.76 -20.28
N THR A 446 -18.93 22.02 -21.53
CA THR A 446 -17.54 21.81 -21.96
C THR A 446 -16.57 22.86 -21.42
N SER A 447 -17.12 23.86 -20.72
CA SER A 447 -16.33 24.65 -19.77
C SER A 447 -15.42 23.77 -18.90
N PHE A 448 -15.91 22.60 -18.52
CA PHE A 448 -15.17 21.69 -17.65
C PHE A 448 -14.42 20.57 -18.36
N SER A 449 -14.45 20.55 -19.69
CA SER A 449 -13.68 19.57 -20.44
C SER A 449 -12.94 20.28 -21.57
N SER A 450 -13.33 20.03 -22.83
CA SER A 450 -12.63 20.55 -23.99
C SER A 450 -13.50 21.56 -24.69
N TYR A 451 -13.01 22.78 -24.75
CA TYR A 451 -13.83 23.89 -25.15
C TYR A 451 -14.33 23.67 -26.55
N GLY A 452 -15.63 23.75 -26.71
CA GLY A 452 -16.30 23.71 -28.04
C GLY A 452 -16.62 22.31 -28.56
N TYR A 453 -16.43 21.27 -27.73
CA TYR A 453 -16.78 19.94 -28.18
C TYR A 453 -18.30 19.84 -28.17
N SER A 454 -18.83 19.23 -29.22
CA SER A 454 -20.26 19.01 -29.33
C SER A 454 -20.55 17.87 -30.28
N ASN A 455 -21.06 16.80 -29.72
CA ASN A 455 -21.46 15.67 -30.51
C ASN A 455 -22.90 15.35 -30.08
N SER A 456 -23.83 15.60 -30.98
CA SER A 456 -25.24 15.46 -30.63
C SER A 456 -25.62 13.99 -30.36
N GLU A 457 -24.97 13.03 -31.02
CA GLU A 457 -25.23 11.64 -30.71
C GLU A 457 -24.86 11.30 -29.25
N TYR A 458 -23.67 11.75 -28.81
CA TYR A 458 -23.26 11.69 -27.40
C TYR A 458 -24.28 12.35 -26.44
N ASP A 459 -24.62 13.61 -26.70
CA ASP A 459 -25.62 14.32 -25.90
C ASP A 459 -26.90 13.47 -25.76
N GLU A 460 -27.38 12.91 -26.87
CA GLU A 460 -28.60 12.14 -26.90
C GLU A 460 -28.46 10.82 -26.15
N LEU A 461 -27.29 10.19 -26.18
CA LEU A 461 -27.10 8.98 -25.37
C LEU A 461 -27.21 9.33 -23.89
N LEU A 462 -26.68 10.49 -23.49
CA LEU A 462 -26.74 10.86 -22.07
C LEU A 462 -28.18 11.11 -21.62
N ILE A 463 -28.94 11.81 -22.45
CA ILE A 463 -30.37 12.04 -22.17
C ILE A 463 -31.04 10.69 -21.99
N LYS A 464 -30.75 9.75 -22.87
CA LYS A 464 -31.33 8.40 -22.78
C LYS A 464 -31.03 7.70 -21.46
N SER A 465 -29.76 7.76 -21.07
CA SER A 465 -29.38 7.21 -19.80
C SER A 465 -30.15 7.82 -18.60
N ASP A 466 -30.50 9.12 -18.65
CA ASP A 466 -31.24 9.74 -17.57
C ASP A 466 -32.62 9.16 -17.46
N ASN A 467 -33.16 8.70 -18.59
CA ASN A 467 -34.50 8.13 -18.62
C ASN A 467 -34.61 6.59 -18.56
N GLU A 468 -33.50 5.91 -18.31
CA GLU A 468 -33.49 4.44 -18.29
C GLU A 468 -33.31 3.98 -16.85
N ARG A 469 -34.34 3.35 -16.31
CA ARG A 469 -34.40 3.01 -14.91
C ARG A 469 -33.71 1.68 -14.66
N ASP A 470 -33.50 0.87 -15.70
CA ASP A 470 -32.84 -0.43 -15.55
C ASP A 470 -31.33 -0.20 -15.51
N ILE A 471 -30.69 -0.60 -14.42
CA ILE A 471 -29.26 -0.33 -14.18
C ILE A 471 -28.35 -0.92 -15.28
N PHE A 472 -28.75 -2.05 -15.85
CA PHE A 472 -27.87 -2.72 -16.78
C PHE A 472 -28.01 -2.17 -18.20
N LYS A 473 -29.24 -1.80 -18.59
CA LYS A 473 -29.47 -1.08 -19.85
C LYS A 473 -28.77 0.28 -19.84
N ARG A 474 -28.89 0.99 -18.72
CA ARG A 474 -28.26 2.30 -18.53
C ARG A 474 -26.74 2.18 -18.67
N GLN A 475 -26.17 1.17 -18.01
CA GLN A 475 -24.76 0.86 -18.13
C GLN A 475 -24.36 0.77 -19.61
N GLU A 476 -25.15 0.07 -20.42
CA GLU A 476 -24.79 -0.14 -21.83
C GLU A 476 -24.88 1.16 -22.62
N ILE A 477 -25.92 1.95 -22.37
CA ILE A 477 -26.02 3.27 -22.99
C ILE A 477 -24.80 4.13 -22.63
N LEU A 478 -24.41 4.12 -21.35
CA LEU A 478 -23.24 4.91 -20.91
C LEU A 478 -21.97 4.45 -21.58
N LYS A 479 -21.80 3.13 -21.72
CA LYS A 479 -20.62 2.59 -22.39
C LYS A 479 -20.55 3.05 -23.86
N LYS A 480 -21.66 3.06 -24.59
CA LYS A 480 -21.67 3.58 -25.98
C LYS A 480 -21.34 5.09 -26.04
N ALA A 481 -21.79 5.88 -25.07
CA ALA A 481 -21.42 7.32 -25.04
C ALA A 481 -19.90 7.50 -24.79
N GLU A 482 -19.38 6.82 -23.79
CA GLU A 482 -17.97 6.89 -23.49
C GLU A 482 -17.11 6.44 -24.67
N ALA A 483 -17.53 5.41 -25.39
CA ALA A 483 -16.77 4.93 -26.54
C ALA A 483 -16.60 6.02 -27.58
N ILE A 484 -17.59 6.89 -27.73
CA ILE A 484 -17.50 7.98 -28.69
C ILE A 484 -16.37 8.94 -28.34
N ILE A 485 -16.30 9.37 -27.08
CA ILE A 485 -15.19 10.25 -26.67
C ILE A 485 -13.82 9.56 -26.55
N ILE A 486 -13.76 8.32 -26.06
CA ILE A 486 -12.46 7.63 -25.91
C ILE A 486 -11.89 6.87 -27.13
N GLU A 487 -12.74 6.39 -28.06
CA GLU A 487 -12.27 5.69 -29.29
C GLU A 487 -12.52 6.39 -30.61
N ARG A 488 -13.37 7.40 -30.65
CA ARG A 488 -13.78 8.00 -31.93
C ARG A 488 -13.43 9.48 -32.03
N ASP A 489 -13.97 10.31 -31.14
CA ASP A 489 -13.81 11.76 -31.27
C ASP A 489 -12.53 12.31 -30.60
N PHE A 490 -12.02 11.65 -29.57
CA PHE A 490 -10.86 12.13 -28.84
C PHE A 490 -10.92 13.64 -28.53
N PRO A 491 -12.00 14.11 -27.87
CA PRO A 491 -12.01 15.51 -27.46
C PRO A 491 -10.89 15.87 -26.48
N ALA A 492 -10.38 14.87 -25.76
CA ALA A 492 -9.29 15.08 -24.87
C ALA A 492 -8.30 13.92 -24.98
N VAL A 493 -7.10 14.16 -24.50
CA VAL A 493 -6.09 13.15 -24.30
C VAL A 493 -6.26 12.63 -22.88
N PHE A 494 -6.94 11.50 -22.76
CA PHE A 494 -7.17 10.89 -21.46
C PHE A 494 -5.92 10.11 -21.04
N LEU A 495 -5.50 10.33 -19.82
CA LEU A 495 -4.20 9.85 -19.36
C LEU A 495 -4.22 8.80 -18.25
N ASN A 496 -4.88 9.08 -17.15
CA ASN A 496 -4.93 8.08 -16.09
C ASN A 496 -6.04 8.34 -15.10
N ILE A 497 -6.26 7.34 -14.26
CA ILE A 497 -7.13 7.44 -13.12
C ILE A 497 -6.20 7.72 -11.96
N THR A 498 -6.44 8.81 -11.27
CA THR A 498 -5.47 9.39 -10.32
C THR A 498 -5.37 8.60 -9.01
N SER A 499 -4.17 8.59 -8.43
CA SER A 499 -3.95 8.20 -7.03
C SER A 499 -3.30 9.35 -6.31
N SER A 500 -3.86 9.79 -5.19
CA SER A 500 -3.29 10.93 -4.49
C SER A 500 -2.41 10.52 -3.32
N SER A 501 -1.47 11.37 -2.98
CA SER A 501 -0.48 11.09 -1.95
C SER A 501 -0.70 12.05 -0.78
N TYR A 502 -0.44 11.59 0.45
CA TYR A 502 -0.61 12.46 1.63
C TYR A 502 0.45 12.20 2.67
N LEU A 503 0.80 13.25 3.42
CA LEU A 503 1.58 13.12 4.66
C LEU A 503 0.70 13.60 5.79
N PHE A 504 0.68 12.86 6.88
CA PHE A 504 -0.17 13.15 8.03
C PHE A 504 0.55 12.61 9.27
N ARG A 505 0.70 13.47 10.28
CA ARG A 505 1.41 13.16 11.50
C ARG A 505 0.57 12.25 12.40
N ASN A 506 0.54 10.96 12.04
CA ASN A 506 -0.24 9.96 12.77
C ASN A 506 0.34 9.61 14.15
N ASP A 507 1.56 10.08 14.46
CA ASP A 507 2.08 10.04 15.84
C ASP A 507 1.47 11.11 16.79
N LYS A 508 0.83 12.14 16.23
CA LYS A 508 0.20 13.22 17.00
C LYS A 508 -1.33 13.16 16.94
N TRP A 509 -1.86 12.83 15.76
CA TRP A 509 -3.29 12.85 15.53
C TRP A 509 -3.87 11.51 15.10
N LYS A 510 -5.17 11.36 15.35
CA LYS A 510 -5.98 10.32 14.75
C LYS A 510 -7.24 10.99 14.21
N GLY A 511 -8.09 10.18 13.58
CA GLY A 511 -9.39 10.64 13.12
C GLY A 511 -9.46 11.09 11.67
N TRP A 512 -8.42 10.80 10.90
CA TRP A 512 -8.38 11.05 9.47
C TRP A 512 -7.84 9.84 8.71
N GLU A 513 -8.34 9.67 7.50
CA GLU A 513 -7.96 8.56 6.65
C GLU A 513 -8.26 8.94 5.18
N PRO A 514 -7.46 8.49 4.21
CA PRO A 514 -7.87 8.66 2.82
C PRO A 514 -9.20 7.96 2.49
N ASN A 515 -9.94 8.52 1.54
CA ASN A 515 -11.07 7.80 0.97
C ASN A 515 -11.25 8.11 -0.50
N ILE A 516 -12.12 7.35 -1.16
CA ILE A 516 -12.13 7.29 -2.62
C ILE A 516 -12.61 8.59 -3.27
N SER A 517 -13.37 9.40 -2.54
CA SER A 517 -13.90 10.65 -3.05
C SER A 517 -13.24 11.89 -2.43
N GLU A 518 -12.19 11.69 -1.62
CA GLU A 518 -11.57 12.76 -0.86
C GLU A 518 -12.56 13.60 -0.09
N ARG A 519 -13.55 12.98 0.53
CA ARG A 519 -14.51 13.73 1.33
C ARG A 519 -14.03 13.68 2.78
N PHE A 520 -13.39 14.75 3.23
CA PHE A 520 -12.82 14.76 4.56
C PHE A 520 -13.55 15.66 5.53
N ASN A 521 -13.70 15.14 6.75
CA ASN A 521 -14.23 15.87 7.90
C ASN A 521 -13.11 16.04 8.95
N LEU A 522 -12.40 17.16 8.84
CA LEU A 522 -11.26 17.39 9.67
C LEU A 522 -11.68 17.67 11.12
N SER A 523 -12.95 17.98 11.37
CA SER A 523 -13.46 18.15 12.74
C SER A 523 -13.41 16.86 13.56
N GLU A 524 -13.30 15.70 12.89
CA GLU A 524 -13.18 14.42 13.57
C GLU A 524 -11.74 14.12 13.98
N ILE A 525 -10.80 15.03 13.67
CA ILE A 525 -9.42 14.84 14.11
C ILE A 525 -9.33 15.04 15.63
N LYS A 526 -8.61 14.13 16.29
CA LYS A 526 -8.30 14.25 17.70
C LYS A 526 -6.82 13.93 17.94
N PRO A 527 -6.23 14.47 19.03
CA PRO A 527 -4.87 14.07 19.43
C PRO A 527 -4.88 12.62 19.95
N ILE A 528 -3.74 11.93 19.90
CA ILE A 528 -3.68 10.55 20.39
C ILE A 528 -3.64 10.43 21.93
N LYS B 29 20.33 -9.01 40.56
CA LYS B 29 19.74 -9.07 39.19
C LYS B 29 20.43 -10.16 38.35
N LEU B 30 19.65 -10.90 37.58
CA LEU B 30 20.23 -11.86 36.65
C LEU B 30 20.03 -11.29 35.26
N VAL B 31 21.14 -11.08 34.56
CA VAL B 31 21.17 -10.51 33.23
C VAL B 31 21.93 -11.50 32.38
N PHE B 32 21.39 -11.83 31.22
CA PHE B 32 22.03 -12.74 30.29
C PHE B 32 22.39 -11.99 29.01
N LYS B 33 23.65 -12.07 28.59
CA LYS B 33 24.10 -11.24 27.49
C LYS B 33 24.59 -12.12 26.37
N LEU B 34 24.12 -11.83 25.17
CA LEU B 34 24.54 -12.62 24.01
C LEU B 34 24.60 -11.80 22.73
N ASN B 35 25.46 -12.23 21.84
CA ASN B 35 25.49 -11.67 20.50
C ASN B 35 24.85 -12.63 19.52
N ILE B 36 23.98 -12.12 18.66
CA ILE B 36 23.40 -12.95 17.61
C ILE B 36 23.64 -12.46 16.18
N GLY B 37 24.57 -11.52 15.98
CA GLY B 37 25.25 -11.33 14.69
C GLY B 37 24.88 -10.09 13.86
N SER B 38 23.71 -9.52 14.11
CA SER B 38 23.21 -8.44 13.26
C SER B 38 22.06 -7.76 13.98
N GLU B 39 21.77 -6.55 13.54
CA GLU B 39 20.69 -5.71 14.06
C GLU B 39 19.38 -6.14 13.41
N PRO B 40 18.33 -6.35 14.22
CA PRO B 40 17.07 -6.72 13.57
C PRO B 40 16.54 -5.61 12.67
N ALA B 41 15.87 -5.99 11.60
CA ALA B 41 15.23 -5.05 10.71
C ALA B 41 13.93 -4.51 11.27
N THR B 42 13.20 -5.33 12.03
CA THR B 42 11.88 -4.99 12.60
C THR B 42 11.58 -6.00 13.72
N LEU B 43 10.93 -5.53 14.77
CA LEU B 43 10.45 -6.42 15.84
C LEU B 43 8.92 -6.66 15.77
N ASP B 44 8.34 -6.48 14.57
CA ASP B 44 6.89 -6.73 14.32
C ASP B 44 6.70 -8.11 13.73
N ALA B 45 6.12 -9.02 14.52
CA ALA B 45 6.02 -10.42 14.15
C ALA B 45 5.43 -10.67 12.76
N GLN B 46 4.49 -9.81 12.37
CA GLN B 46 3.81 -9.96 11.10
C GLN B 46 4.58 -9.39 9.92
N LEU B 47 5.64 -8.63 10.18
CA LEU B 47 6.51 -8.15 9.15
C LEU B 47 7.86 -8.88 9.07
N ILE B 48 8.27 -9.58 10.12
CA ILE B 48 9.59 -10.19 10.14
C ILE B 48 9.64 -11.37 9.16
N ASN B 49 10.75 -11.43 8.42
CA ASN B 49 11.03 -12.55 7.50
C ASN B 49 12.44 -13.08 7.62
N ASP B 50 13.09 -12.79 8.75
CA ASP B 50 14.48 -13.08 8.98
C ASP B 50 14.72 -13.71 10.37
N THR B 51 15.79 -14.49 10.52
CA THR B 51 16.04 -15.26 11.76
C THR B 51 16.48 -14.38 12.96
N VAL B 52 17.12 -13.24 12.70
CA VAL B 52 17.47 -12.33 13.79
C VAL B 52 16.22 -11.76 14.46
N GLY B 53 15.40 -11.05 13.68
CA GLY B 53 14.09 -10.58 14.16
C GLY B 53 13.30 -11.71 14.81
N SER B 54 13.24 -12.85 14.14
CA SER B 54 12.44 -13.99 14.63
C SER B 54 12.98 -14.51 15.98
N GLY B 55 14.29 -14.59 16.11
CA GLY B 55 14.91 -15.08 17.33
C GLY B 55 14.63 -14.17 18.52
N ILE B 56 14.58 -12.87 18.28
CA ILE B 56 14.25 -11.91 19.33
C ILE B 56 12.76 -11.92 19.70
N VAL B 57 11.87 -11.81 18.71
CA VAL B 57 10.42 -11.73 19.00
C VAL B 57 9.87 -12.97 19.65
N SER B 58 10.49 -14.12 19.39
CA SER B 58 10.04 -15.38 20.02
C SER B 58 10.29 -15.38 21.52
N GLN B 59 11.19 -14.50 21.99
CA GLN B 59 11.41 -14.29 23.41
C GLN B 59 10.35 -13.38 24.02
N MET B 60 9.62 -12.63 23.17
CA MET B 60 8.63 -11.64 23.60
C MET B 60 7.16 -11.98 23.30
N PHE B 61 6.92 -12.77 22.26
CA PHE B 61 5.59 -13.10 21.86
C PHE B 61 5.32 -14.60 21.82
N LEU B 62 4.21 -14.95 22.43
CA LEU B 62 3.73 -16.31 22.56
C LEU B 62 2.79 -16.66 21.40
N GLY B 63 3.11 -17.70 20.65
CA GLY B 63 2.18 -18.24 19.66
C GLY B 63 1.01 -18.98 20.29
N ILE B 64 0.04 -19.29 19.44
CA ILE B 64 -1.03 -20.23 19.75
C ILE B 64 -0.35 -21.50 20.27
N LEU B 65 0.65 -21.97 19.54
CA LEU B 65 1.58 -22.96 20.03
C LEU B 65 2.95 -22.28 20.17
N ASP B 66 3.75 -22.76 21.13
CA ASP B 66 5.07 -22.24 21.44
C ASP B 66 6.10 -23.25 20.88
N GLY B 67 7.31 -22.78 20.61
CA GLY B 67 8.42 -23.68 20.32
C GLY B 67 8.77 -24.57 21.49
N ASP B 68 9.14 -25.82 21.22
CA ASP B 68 9.74 -26.68 22.22
C ASP B 68 11.25 -26.56 22.11
N PRO B 69 11.92 -26.02 23.13
CA PRO B 69 13.38 -25.83 23.06
C PRO B 69 14.22 -27.11 23.10
N ARG B 70 13.62 -28.23 23.53
CA ARG B 70 14.34 -29.48 23.63
C ARG B 70 14.32 -30.21 22.28
N THR B 71 13.18 -30.25 21.59
CA THR B 71 13.09 -30.98 20.32
C THR B 71 13.23 -30.07 19.07
N GLY B 72 12.96 -28.78 19.21
CA GLY B 72 12.82 -27.91 18.05
C GLY B 72 11.42 -27.98 17.43
N GLY B 73 10.53 -28.75 18.06
CA GLY B 73 9.16 -28.85 17.63
C GLY B 73 8.31 -27.80 18.32
N TYR B 74 7.10 -28.21 18.67
CA TYR B 74 6.11 -27.33 19.25
C TYR B 74 5.55 -27.86 20.57
N ARG B 75 4.91 -26.95 21.30
CA ARG B 75 4.21 -27.29 22.53
C ARG B 75 3.11 -26.23 22.81
N PRO B 76 2.17 -26.52 23.73
CA PRO B 76 1.13 -25.54 24.07
C PRO B 76 1.70 -24.13 24.27
N GLY B 77 1.05 -23.11 23.72
CA GLY B 77 1.41 -21.72 23.97
C GLY B 77 0.20 -21.01 24.55
N LEU B 78 -0.35 -20.07 23.82
CA LEU B 78 -1.58 -19.41 24.24
C LEU B 78 -2.70 -20.44 24.47
N ALA B 79 -2.74 -21.44 23.60
CA ALA B 79 -3.63 -22.56 23.70
C ALA B 79 -3.01 -23.62 24.57
N LYS B 80 -3.80 -24.07 25.53
CA LYS B 80 -3.42 -25.19 26.35
C LYS B 80 -3.75 -26.51 25.68
N SER B 81 -4.76 -26.51 24.82
CA SER B 81 -5.15 -27.75 24.15
C SER B 81 -5.86 -27.45 22.84
N TRP B 82 -6.12 -28.52 22.08
CA TRP B 82 -6.78 -28.39 20.76
C TRP B 82 -7.41 -29.70 20.35
N ASP B 83 -8.45 -29.58 19.53
CA ASP B 83 -9.12 -30.66 18.86
C ASP B 83 -8.92 -30.46 17.37
N ILE B 84 -8.84 -31.56 16.64
CA ILE B 84 -8.75 -31.56 15.20
C ILE B 84 -9.92 -32.38 14.74
N SER B 85 -10.64 -31.91 13.73
CA SER B 85 -11.81 -32.64 13.20
C SER B 85 -11.42 -33.90 12.47
N ASP B 86 -12.33 -34.88 12.42
CA ASP B 86 -12.12 -36.15 11.71
C ASP B 86 -11.56 -35.98 10.30
N ASP B 87 -12.05 -35.00 9.55
CA ASP B 87 -11.57 -34.76 8.17
C ASP B 87 -10.28 -33.95 8.15
N GLY B 88 -9.79 -33.55 9.31
CA GLY B 88 -8.48 -32.92 9.44
C GLY B 88 -8.34 -31.49 8.91
N VAL B 89 -9.44 -30.74 8.80
CA VAL B 89 -9.33 -29.34 8.32
C VAL B 89 -9.82 -28.27 9.31
N VAL B 90 -10.49 -28.67 10.39
CA VAL B 90 -10.98 -27.72 11.39
C VAL B 90 -10.22 -27.93 12.70
N TYR B 91 -9.56 -26.86 13.15
CA TYR B 91 -8.72 -26.91 14.35
C TYR B 91 -9.36 -25.99 15.39
N THR B 92 -9.61 -26.54 16.57
CA THR B 92 -10.27 -25.80 17.62
C THR B 92 -9.26 -25.68 18.74
N PHE B 93 -8.88 -24.45 19.05
CA PHE B 93 -7.85 -24.20 20.04
C PHE B 93 -8.48 -23.67 21.32
N HIS B 94 -8.17 -24.32 22.43
CA HIS B 94 -8.67 -23.91 23.73
C HIS B 94 -7.60 -23.11 24.49
N LEU B 95 -7.87 -21.82 24.66
CA LEU B 95 -6.96 -20.86 25.27
C LEU B 95 -6.92 -21.05 26.76
N ARG B 96 -5.73 -21.02 27.34
CA ARG B 96 -5.59 -21.10 28.80
C ARG B 96 -6.21 -19.89 29.48
N ASP B 97 -6.49 -20.04 30.78
CA ASP B 97 -7.12 -18.97 31.59
C ASP B 97 -6.22 -17.77 31.81
N ASN B 98 -6.85 -16.62 32.03
CA ASN B 98 -6.18 -15.41 32.51
C ASN B 98 -5.04 -14.87 31.64
N LEU B 99 -5.15 -15.11 30.32
CA LEU B 99 -4.19 -14.57 29.37
C LEU B 99 -4.38 -13.06 29.24
N VAL B 100 -3.28 -12.34 29.44
CA VAL B 100 -3.22 -10.89 29.32
C VAL B 100 -1.93 -10.49 28.63
N TRP B 101 -2.01 -9.39 27.88
CA TRP B 101 -0.85 -8.68 27.35
C TRP B 101 -0.14 -8.00 28.51
N SER B 102 1.09 -7.51 28.27
CA SER B 102 1.94 -7.00 29.33
C SER B 102 1.39 -5.71 29.95
N ASP B 103 0.42 -5.06 29.31
CA ASP B 103 -0.27 -3.88 29.93
C ASP B 103 -1.57 -4.26 30.69
N GLY B 104 -1.89 -5.55 30.81
CA GLY B 104 -3.02 -5.99 31.61
C GLY B 104 -4.28 -6.26 30.83
N VAL B 105 -4.28 -5.89 29.55
CA VAL B 105 -5.41 -6.14 28.65
C VAL B 105 -5.51 -7.63 28.26
N SER B 106 -6.72 -8.17 28.35
CA SER B 106 -7.00 -9.57 28.07
C SER B 106 -6.71 -9.94 26.65
N ILE B 107 -6.13 -11.12 26.47
CA ILE B 107 -5.99 -11.76 25.20
C ILE B 107 -7.21 -12.69 25.04
N THR B 108 -8.04 -12.42 24.03
CA THR B 108 -9.20 -13.24 23.69
C THR B 108 -9.05 -13.78 22.30
N ALA B 109 -9.88 -14.77 21.99
CA ALA B 109 -9.95 -15.31 20.63
C ALA B 109 -10.29 -14.23 19.59
N GLU B 110 -11.12 -13.30 19.97
CA GLU B 110 -11.52 -12.23 19.07
C GLU B 110 -10.34 -11.31 18.77
N GLY B 111 -9.54 -11.03 19.79
CA GLY B 111 -8.29 -10.28 19.60
C GLY B 111 -7.33 -10.97 18.66
N ILE B 112 -7.25 -12.29 18.77
CA ILE B 112 -6.37 -13.06 17.91
C ILE B 112 -6.92 -12.99 16.49
N ARG B 113 -8.23 -13.08 16.37
CA ARG B 113 -8.85 -13.00 15.07
C ARG B 113 -8.57 -11.64 14.45
N LYS B 114 -8.76 -10.58 15.22
CA LYS B 114 -8.41 -9.22 14.76
C LYS B 114 -6.94 -9.13 14.27
N SER B 115 -6.02 -9.75 15.01
CA SER B 115 -4.63 -9.88 14.60
C SER B 115 -4.45 -10.50 13.21
N TYR B 116 -5.10 -11.63 12.95
CA TYR B 116 -5.00 -12.23 11.64
C TYR B 116 -5.58 -11.37 10.53
N LEU B 117 -6.64 -10.60 10.82
CA LEU B 117 -7.15 -9.66 9.83
C LEU B 117 -6.11 -8.62 9.46
N ARG B 118 -5.20 -8.27 10.38
CA ARG B 118 -4.17 -7.24 10.08
C ARG B 118 -3.16 -7.78 9.08
N ILE B 119 -2.71 -9.00 9.30
CA ILE B 119 -1.75 -9.56 8.35
C ILE B 119 -2.41 -9.83 6.98
N LEU B 120 -3.72 -10.09 6.94
CA LEU B 120 -4.45 -10.32 5.67
C LEU B 120 -4.98 -9.04 5.00
N ASP B 121 -4.67 -7.89 5.59
CA ASP B 121 -4.86 -6.61 4.95
C ASP B 121 -3.68 -6.33 4.00
N LYS B 122 -3.97 -6.08 2.73
CA LYS B 122 -2.94 -5.72 1.73
C LYS B 122 -2.10 -4.52 2.22
N GLU B 123 -2.72 -3.57 2.92
CA GLU B 123 -2.04 -2.35 3.41
C GLU B 123 -0.89 -2.62 4.38
N THR B 124 -0.94 -3.73 5.11
CA THR B 124 0.10 -4.07 6.06
C THR B 124 1.42 -4.44 5.38
N GLY B 125 1.39 -4.94 4.16
CA GLY B 125 2.64 -5.21 3.42
C GLY B 125 3.51 -6.36 3.94
N SER B 126 2.93 -7.32 4.65
CA SER B 126 3.73 -8.46 5.10
C SER B 126 4.23 -9.23 3.89
N SER B 127 5.53 -9.54 3.87
CA SER B 127 6.13 -10.31 2.79
C SER B 127 5.86 -11.81 2.97
N PHE B 128 5.36 -12.22 4.14
CA PHE B 128 5.04 -13.63 4.42
C PHE B 128 3.55 -14.00 4.35
N VAL B 129 2.69 -13.06 3.94
CA VAL B 129 1.24 -13.31 4.00
C VAL B 129 0.81 -14.54 3.17
N ASN B 130 1.53 -14.83 2.09
CA ASN B 130 1.25 -16.05 1.32
C ASN B 130 1.24 -17.33 2.13
N MET B 131 2.00 -17.39 3.21
CA MET B 131 1.94 -18.54 4.11
C MET B 131 0.54 -18.68 4.78
N ILE B 132 -0.09 -17.57 5.17
CA ILE B 132 -1.45 -17.62 5.73
C ILE B 132 -2.46 -17.98 4.63
N LYS B 133 -2.35 -17.30 3.48
CA LYS B 133 -3.20 -17.56 2.30
C LYS B 133 -3.14 -18.96 1.72
N SER B 134 -1.99 -19.60 1.74
CA SER B 134 -1.90 -20.96 1.25
C SER B 134 -2.51 -21.99 2.25
N VAL B 135 -2.77 -21.59 3.49
CA VAL B 135 -3.11 -22.52 4.54
C VAL B 135 -4.60 -22.43 5.01
N ILE B 136 -5.08 -21.21 5.23
CA ILE B 136 -6.37 -20.97 5.87
C ILE B 136 -7.47 -20.81 4.81
N LYS B 137 -8.62 -21.45 5.06
CA LYS B 137 -9.78 -21.42 4.14
C LYS B 137 -10.25 -19.98 3.92
N ASN B 138 -10.45 -19.66 2.64
CA ASN B 138 -10.86 -18.33 2.17
C ASN B 138 -9.96 -17.15 2.54
N ALA B 139 -8.75 -17.46 3.00
CA ALA B 139 -7.81 -16.40 3.33
C ALA B 139 -7.26 -15.74 2.06
N GLU B 140 -7.10 -16.50 0.96
CA GLU B 140 -6.64 -15.93 -0.33
C GLU B 140 -7.68 -14.98 -0.87
N GLU B 141 -8.93 -15.43 -0.90
CA GLU B 141 -10.05 -14.62 -1.37
C GLU B 141 -10.32 -13.36 -0.54
N TYR B 142 -10.28 -13.48 0.78
CA TYR B 142 -10.45 -12.33 1.63
C TYR B 142 -9.39 -11.24 1.37
N PHE B 143 -8.12 -11.64 1.33
CA PHE B 143 -7.00 -10.76 1.03
C PHE B 143 -7.23 -10.05 -0.30
N ASP B 144 -7.79 -10.78 -1.25
CA ASP B 144 -8.16 -10.23 -2.57
C ASP B 144 -9.44 -9.39 -2.61
N GLY B 145 -10.14 -9.29 -1.48
CA GLY B 145 -11.44 -8.65 -1.43
C GLY B 145 -12.59 -9.44 -2.04
N LYS B 146 -12.38 -10.72 -2.33
CA LYS B 146 -13.43 -11.54 -2.96
C LYS B 146 -14.38 -12.22 -1.97
N ALA B 147 -14.14 -12.06 -0.67
CA ALA B 147 -14.87 -12.80 0.36
C ALA B 147 -14.96 -11.99 1.61
N ASN B 148 -16.10 -12.08 2.30
CA ASN B 148 -16.34 -11.33 3.54
CA ASN B 148 -16.30 -11.31 3.52
C ASN B 148 -15.47 -11.85 4.68
N GLU B 149 -15.25 -11.01 5.67
CA GLU B 149 -14.71 -11.38 6.96
C GLU B 149 -15.33 -12.69 7.52
N SER B 150 -16.64 -12.84 7.44
CA SER B 150 -17.33 -13.99 8.03
C SER B 150 -17.01 -15.35 7.35
N GLU B 151 -16.65 -15.30 6.07
CA GLU B 151 -16.31 -16.48 5.28
C GLU B 151 -14.90 -16.97 5.58
N LEU B 152 -14.07 -16.11 6.16
CA LEU B 152 -12.69 -16.48 6.50
C LEU B 152 -12.66 -17.58 7.57
N GLY B 153 -11.80 -18.57 7.40
CA GLY B 153 -11.70 -19.70 8.33
C GLY B 153 -10.96 -19.42 9.63
N ILE B 154 -11.32 -18.34 10.29
CA ILE B 154 -10.83 -18.02 11.63
C ILE B 154 -12.04 -17.48 12.39
N LYS B 155 -12.44 -18.19 13.44
CA LYS B 155 -13.63 -17.81 14.20
C LYS B 155 -13.28 -17.78 15.67
N ALA B 156 -13.71 -16.71 16.34
CA ALA B 156 -13.66 -16.66 17.80
C ALA B 156 -14.96 -17.27 18.33
N LEU B 157 -14.93 -18.55 18.64
CA LEU B 157 -16.16 -19.22 19.11
C LEU B 157 -16.63 -18.72 20.46
N ASP B 158 -15.70 -18.28 21.30
CA ASP B 158 -15.99 -17.54 22.51
C ASP B 158 -14.66 -16.93 22.97
N GLU B 159 -14.68 -16.24 24.12
CA GLU B 159 -13.50 -15.54 24.61
C GLU B 159 -12.28 -16.47 24.59
N LYS B 160 -12.46 -17.76 24.92
CA LYS B 160 -11.31 -18.71 25.01
C LYS B 160 -11.22 -19.81 23.95
N THR B 161 -11.93 -19.66 22.83
CA THR B 161 -11.96 -20.73 21.83
C THR B 161 -11.81 -20.15 20.43
N LEU B 162 -10.71 -20.50 19.77
CA LEU B 162 -10.40 -20.05 18.41
C LEU B 162 -10.42 -21.24 17.43
N GLU B 163 -11.16 -21.08 16.35
CA GLU B 163 -11.32 -22.13 15.36
C GLU B 163 -10.65 -21.69 14.07
N ILE B 164 -9.69 -22.48 13.61
CA ILE B 164 -9.09 -22.23 12.34
C ILE B 164 -9.43 -23.37 11.40
N THR B 165 -9.95 -23.01 10.24
CA THR B 165 -10.30 -24.01 9.21
C THR B 165 -9.30 -23.91 8.08
N LEU B 166 -8.63 -25.02 7.80
CA LEU B 166 -7.68 -25.08 6.71
C LEU B 166 -8.37 -25.29 5.38
N LYS B 167 -7.68 -24.87 4.33
CA LYS B 167 -8.05 -25.09 2.97
C LYS B 167 -8.09 -26.59 2.67
N SER B 168 -7.10 -27.33 3.16
CA SER B 168 -7.04 -28.78 3.02
C SER B 168 -6.10 -29.33 4.10
N PRO B 169 -6.14 -30.64 4.39
CA PRO B 169 -5.34 -31.05 5.56
C PRO B 169 -3.85 -30.80 5.37
N LYS B 170 -3.14 -30.60 6.47
CA LYS B 170 -1.72 -30.32 6.43
C LYS B 170 -1.12 -30.83 7.74
N PRO B 171 -0.40 -31.97 7.69
CA PRO B 171 0.10 -32.50 8.97
C PRO B 171 1.09 -31.57 9.69
N TYR B 172 1.69 -30.63 8.95
CA TYR B 172 2.67 -29.71 9.54
C TYR B 172 2.03 -28.42 10.04
N PHE B 173 0.69 -28.30 10.01
CA PHE B 173 0.03 -27.06 10.42
C PHE B 173 0.31 -26.63 11.88
N LEU B 174 0.21 -27.56 12.82
CA LEU B 174 0.48 -27.22 14.23
C LEU B 174 1.86 -26.60 14.34
N ASP B 175 2.84 -27.26 13.73
CA ASP B 175 4.23 -26.83 13.84
C ASP B 175 4.49 -25.44 13.27
N MET B 176 3.67 -25.06 12.28
CA MET B 176 3.82 -23.77 11.61
C MET B 176 3.20 -22.62 12.41
N LEU B 177 2.35 -22.94 13.39
CA LEU B 177 1.83 -21.92 14.31
C LEU B 177 2.90 -21.33 15.22
N VAL B 178 4.08 -21.93 15.27
CA VAL B 178 5.20 -21.39 16.04
C VAL B 178 5.89 -20.30 15.24
N HIS B 179 5.79 -20.37 13.91
CA HIS B 179 6.41 -19.38 13.08
C HIS B 179 5.75 -18.00 13.37
N GLN B 180 6.56 -16.94 13.39
CA GLN B 180 6.14 -15.60 13.82
C GLN B 180 4.99 -14.93 13.06
N THR B 181 4.91 -15.20 11.75
CA THR B 181 3.81 -14.74 10.91
C THR B 181 2.45 -15.12 11.51
N PHE B 182 2.43 -16.23 12.25
CA PHE B 182 1.21 -16.77 12.88
C PHE B 182 1.01 -16.34 14.33
N ILE B 183 1.94 -15.57 14.85
CA ILE B 183 1.91 -15.19 16.25
C ILE B 183 1.01 -13.99 16.41
N PRO B 184 0.06 -14.05 17.34
CA PRO B 184 -0.84 -12.92 17.52
C PRO B 184 -0.10 -11.66 17.98
N VAL B 185 -0.50 -10.52 17.47
CA VAL B 185 -0.04 -9.22 17.97
C VAL B 185 -1.19 -8.41 18.61
N PRO B 186 -0.85 -7.44 19.49
CA PRO B 186 -1.87 -6.71 20.29
C PRO B 186 -2.51 -5.56 19.54
N MET B 187 -3.70 -5.81 19.00
CA MET B 187 -4.32 -4.84 18.09
C MET B 187 -4.64 -3.50 18.76
N HIS B 188 -4.94 -3.49 20.05
CA HIS B 188 -5.29 -2.21 20.72
C HIS B 188 -4.12 -1.21 20.69
N VAL B 189 -2.90 -1.72 20.76
CA VAL B 189 -1.70 -0.88 20.71
C VAL B 189 -1.35 -0.52 19.26
N ILE B 190 -1.57 -1.47 18.35
CA ILE B 190 -1.29 -1.23 16.93
C ILE B 190 -2.22 -0.15 16.40
N GLU B 191 -3.51 -0.31 16.67
CA GLU B 191 -4.49 0.67 16.26
C GLU B 191 -4.10 2.06 16.74
N LYS B 192 -3.59 2.16 17.96
CA LYS B 192 -3.29 3.46 18.51
C LYS B 192 -1.97 4.03 18.00
N TYR B 193 -0.93 3.23 17.95
CA TYR B 193 0.44 3.72 17.63
C TYR B 193 0.99 3.34 16.25
N GLY B 194 0.21 2.61 15.42
CA GLY B 194 0.64 2.22 14.08
C GLY B 194 2.06 1.66 14.02
N GLN B 195 2.86 2.20 13.10
CA GLN B 195 4.26 1.75 12.93
C GLN B 195 5.19 2.05 14.10
N ARG B 196 4.72 2.74 15.12
CA ARG B 196 5.53 2.95 16.31
C ARG B 196 5.14 2.00 17.43
N TRP B 197 4.33 0.99 17.14
CA TRP B 197 3.84 0.16 18.23
C TRP B 197 5.00 -0.62 18.84
N THR B 198 6.03 -0.90 18.04
CA THR B 198 7.19 -1.64 18.50
C THR B 198 8.28 -0.80 19.18
N ASP B 199 8.09 0.50 19.34
CA ASP B 199 9.06 1.28 20.11
C ASP B 199 9.01 0.74 21.55
N PRO B 200 10.17 0.78 22.25
CA PRO B 200 10.22 0.34 23.65
C PRO B 200 9.05 0.88 24.50
N GLU B 201 8.79 2.18 24.38
CA GLU B 201 7.70 2.84 25.12
C GLU B 201 6.28 2.39 24.79
N ASN B 202 6.03 1.84 23.60
CA ASN B 202 4.69 1.43 23.16
C ASN B 202 4.45 -0.04 23.14
N MET B 203 5.53 -0.81 23.04
CA MET B 203 5.45 -2.25 22.76
C MET B 203 4.79 -2.98 23.90
N VAL B 204 3.83 -3.82 23.57
CA VAL B 204 3.15 -4.64 24.54
C VAL B 204 3.31 -6.09 24.10
N VAL B 205 3.42 -7.02 25.07
CA VAL B 205 3.79 -8.41 24.72
C VAL B 205 2.99 -9.47 25.51
N SER B 206 3.04 -10.72 25.00
CA SER B 206 2.38 -11.89 25.61
C SER B 206 3.33 -12.90 26.25
N GLY B 207 4.63 -12.80 25.90
CA GLY B 207 5.62 -13.81 26.21
C GLY B 207 6.43 -13.40 27.43
N PRO B 208 7.52 -14.14 27.71
CA PRO B 208 8.25 -14.00 28.98
C PRO B 208 9.04 -12.70 29.19
N PHE B 209 9.39 -12.00 28.13
CA PHE B 209 10.11 -10.74 28.24
C PHE B 209 9.43 -9.67 27.44
N LYS B 210 9.54 -8.42 27.90
CA LYS B 210 9.12 -7.27 27.13
C LYS B 210 10.32 -6.43 26.74
N LEU B 211 10.09 -5.45 25.87
CA LEU B 211 11.16 -4.59 25.36
C LEU B 211 11.45 -3.44 26.32
N LYS B 212 12.64 -3.35 26.89
CA LYS B 212 12.92 -2.27 27.86
C LYS B 212 13.52 -1.02 27.22
N SER B 213 14.50 -1.25 26.36
CA SER B 213 15.22 -0.19 25.71
C SER B 213 16.00 -0.73 24.53
N ARG B 214 16.60 0.18 23.78
CA ARG B 214 17.21 -0.15 22.51
C ARG B 214 18.16 0.97 22.05
N VAL B 215 19.40 0.61 21.77
CA VAL B 215 20.38 1.53 21.20
C VAL B 215 20.70 1.02 19.81
N LEU B 216 20.34 1.81 18.81
CA LEU B 216 20.33 1.34 17.43
C LEU B 216 21.72 0.90 17.06
N ASN B 217 21.78 -0.30 16.47
CA ASN B 217 23.07 -0.88 16.02
C ASN B 217 24.05 -1.15 17.15
N GLU B 218 23.58 -1.23 18.38
CA GLU B 218 24.45 -1.62 19.48
C GLU B 218 23.72 -2.70 20.26
N LYS B 219 22.50 -2.43 20.73
CA LYS B 219 21.84 -3.41 21.57
C LYS B 219 20.34 -3.34 21.64
N VAL B 220 19.74 -4.50 21.97
CA VAL B 220 18.31 -4.63 22.27
C VAL B 220 18.21 -5.23 23.67
N VAL B 221 17.58 -4.50 24.58
CA VAL B 221 17.48 -4.88 25.98
C VAL B 221 16.07 -5.36 26.24
N LEU B 222 15.94 -6.60 26.69
CA LEU B 222 14.68 -7.15 27.15
C LEU B 222 14.65 -7.20 28.68
N GLU B 223 13.45 -7.08 29.25
CA GLU B 223 13.24 -7.28 30.69
C GLU B 223 12.04 -8.20 30.97
N LYS B 224 12.13 -8.90 32.09
CA LYS B 224 11.11 -9.85 32.44
C LYS B 224 9.72 -9.18 32.41
N ASN B 225 8.75 -9.89 31.84
CA ASN B 225 7.35 -9.50 31.87
C ASN B 225 6.62 -10.35 32.88
N ASN B 226 6.29 -9.76 34.02
CA ASN B 226 5.66 -10.48 35.12
C ASN B 226 4.27 -10.97 34.82
N LYS B 227 3.65 -10.45 33.76
CA LYS B 227 2.29 -10.86 33.37
C LYS B 227 2.23 -12.04 32.42
N TYR B 228 3.39 -12.55 31.99
CA TYR B 228 3.48 -13.80 31.26
C TYR B 228 2.84 -14.92 32.10
N TYR B 229 2.05 -15.76 31.46
CA TYR B 229 1.25 -16.73 32.21
C TYR B 229 2.15 -17.62 33.04
N ASN B 230 3.37 -17.86 32.60
CA ASN B 230 4.25 -18.69 33.38
C ASN B 230 5.47 -17.94 33.94
N SER B 231 5.27 -16.69 34.36
CA SER B 231 6.39 -15.85 34.84
C SER B 231 7.06 -16.40 36.11
N LYS B 232 6.30 -17.10 36.95
CA LYS B 232 6.87 -17.78 38.15
C LYS B 232 8.13 -18.63 37.90
N ASP B 233 8.27 -19.15 36.68
CA ASP B 233 9.40 -20.02 36.26
C ASP B 233 10.50 -19.30 35.49
N VAL B 234 10.36 -18.00 35.28
CA VAL B 234 11.38 -17.21 34.62
C VAL B 234 12.17 -16.51 35.70
N VAL B 235 13.46 -16.76 35.77
CA VAL B 235 14.27 -16.13 36.81
C VAL B 235 15.16 -15.03 36.29
N LEU B 236 15.41 -14.96 34.99
CA LEU B 236 16.19 -13.85 34.44
C LEU B 236 15.44 -12.54 34.54
N ASP B 237 16.13 -11.47 34.94
CA ASP B 237 15.52 -10.14 34.96
C ASP B 237 15.65 -9.44 33.61
N SER B 238 16.68 -9.79 32.88
CA SER B 238 17.01 -9.11 31.67
C SER B 238 17.80 -9.98 30.69
N ILE B 239 17.55 -9.75 29.41
CA ILE B 239 18.42 -10.26 28.35
C ILE B 239 18.86 -9.09 27.49
N ILE B 240 20.14 -9.05 27.17
CA ILE B 240 20.70 -8.04 26.30
C ILE B 240 21.26 -8.72 25.05
N PHE B 241 20.75 -8.30 23.90
CA PHE B 241 21.27 -8.76 22.62
C PHE B 241 22.26 -7.74 22.14
N PHE B 242 23.54 -8.09 22.15
CA PHE B 242 24.54 -7.26 21.52
C PHE B 242 24.54 -7.58 20.05
N VAL B 243 24.33 -6.51 19.32
CA VAL B 243 24.36 -6.48 17.91
C VAL B 243 25.78 -6.06 17.61
N THR B 244 26.37 -6.75 16.66
CA THR B 244 27.61 -6.34 16.02
C THR B 244 27.91 -7.52 15.13
N ASP B 245 28.21 -7.26 13.87
CA ASP B 245 28.55 -8.31 12.92
C ASP B 245 30.06 -8.52 12.85
N ASN B 246 30.74 -8.08 13.89
CA ASN B 246 32.16 -8.26 14.00
C ASN B 246 32.39 -9.41 14.98
N SER B 247 32.59 -10.60 14.43
CA SER B 247 32.82 -11.81 15.19
C SER B 247 34.02 -11.68 16.15
N ILE B 248 35.03 -10.89 15.79
CA ILE B 248 36.23 -10.77 16.59
C ILE B 248 35.97 -9.92 17.85
N THR B 249 35.26 -8.82 17.68
CA THR B 249 34.79 -8.05 18.81
C THR B 249 34.00 -8.92 19.79
N ALA B 250 33.05 -9.69 19.24
CA ALA B 250 32.19 -10.57 20.04
C ALA B 250 33.02 -11.62 20.75
N TYR B 251 33.93 -12.24 20.03
CA TYR B 251 34.78 -13.23 20.67
C TYR B 251 35.60 -12.61 21.83
N ASN B 252 36.21 -11.44 21.61
CA ASN B 252 37.03 -10.80 22.66
C ASN B 252 36.18 -10.46 23.89
N MET B 253 34.95 -9.96 23.66
CA MET B 253 34.01 -9.71 24.74
C MET B 253 33.76 -10.98 25.53
N TYR B 254 33.48 -12.07 24.83
CA TYR B 254 33.20 -13.33 25.50
C TYR B 254 34.38 -13.78 26.38
N LEU B 255 35.59 -13.71 25.82
CA LEU B 255 36.82 -14.03 26.52
C LEU B 255 37.06 -13.06 27.67
N ASN B 256 36.56 -11.85 27.54
CA ASN B 256 36.67 -10.86 28.60
C ASN B 256 35.45 -10.82 29.54
N ASP B 257 34.62 -11.86 29.48
CA ASP B 257 33.58 -12.04 30.48
C ASP B 257 32.46 -11.00 30.35
N GLU B 258 32.29 -10.47 29.14
CA GLU B 258 31.30 -9.45 28.85
C GLU B 258 30.08 -9.99 28.12
N LEU B 259 30.19 -11.22 27.62
CA LEU B 259 29.07 -11.93 27.02
C LEU B 259 28.94 -13.29 27.63
N ASP B 260 27.72 -13.76 27.76
CA ASP B 260 27.41 -15.09 28.26
C ASP B 260 27.25 -16.12 27.12
N ALA B 261 26.95 -15.65 25.91
CA ALA B 261 26.83 -16.54 24.74
C ALA B 261 27.05 -15.82 23.43
N ILE B 262 27.46 -16.57 22.40
CA ILE B 262 27.45 -16.09 21.00
C ILE B 262 26.74 -17.14 20.18
N PHE B 263 25.67 -16.74 19.47
CA PHE B 263 24.94 -17.70 18.64
C PHE B 263 25.32 -17.41 17.19
N LYS B 264 25.86 -18.40 16.50
CA LYS B 264 26.16 -18.36 15.05
C LYS B 264 27.40 -17.56 14.66
N ASN B 265 27.50 -16.34 15.21
CA ASN B 265 28.50 -15.37 14.83
C ASN B 265 29.87 -15.61 15.49
N VAL B 266 30.39 -16.85 15.39
CA VAL B 266 31.71 -17.17 15.93
C VAL B 266 32.73 -16.75 14.87
N PRO B 267 34.00 -16.52 15.28
CA PRO B 267 35.00 -16.16 14.27
C PRO B 267 35.30 -17.34 13.35
N PRO B 268 34.96 -17.20 12.05
CA PRO B 268 35.01 -18.36 11.17
C PRO B 268 36.39 -18.97 10.96
N ASP B 269 37.49 -18.22 11.15
CA ASP B 269 38.85 -18.79 10.94
C ASP B 269 39.38 -19.55 12.17
N LEU B 270 38.64 -19.51 13.29
CA LEU B 270 39.12 -20.08 14.54
C LEU B 270 38.38 -21.33 14.97
N LEU B 271 37.55 -21.92 14.13
CA LEU B 271 36.75 -23.09 14.55
C LEU B 271 37.59 -24.22 15.08
N LYS B 272 38.72 -24.48 14.45
CA LYS B 272 39.62 -25.51 14.92
C LYS B 272 39.99 -25.22 16.38
N ASP B 273 40.14 -23.94 16.69
CA ASP B 273 40.50 -23.55 18.06
C ASP B 273 39.29 -23.58 19.01
N LEU B 274 38.12 -23.16 18.54
CA LEU B 274 36.93 -23.17 19.39
C LEU B 274 36.53 -24.59 19.80
N LYS B 275 36.78 -25.58 18.94
CA LYS B 275 36.45 -26.99 19.21
C LYS B 275 37.16 -27.55 20.42
N LEU B 276 38.30 -26.96 20.76
CA LEU B 276 39.07 -27.39 21.93
C LEU B 276 38.34 -27.01 23.21
N ARG B 277 37.39 -26.07 23.14
CA ARG B 277 36.75 -25.53 24.35
C ARG B 277 35.56 -26.38 24.79
N ASP B 278 35.33 -26.47 26.09
CA ASP B 278 34.18 -27.21 26.63
C ASP B 278 32.91 -26.36 26.63
N ASP B 279 33.00 -25.11 26.18
CA ASP B 279 31.82 -24.27 26.01
C ASP B 279 31.40 -24.03 24.55
N TYR B 280 31.89 -24.87 23.63
CA TYR B 280 31.65 -24.71 22.21
C TYR B 280 30.63 -25.74 21.78
N TYR B 281 29.62 -25.32 21.02
CA TYR B 281 28.60 -26.23 20.53
C TYR B 281 28.46 -26.11 19.02
N SER B 282 28.03 -27.22 18.43
CA SER B 282 27.84 -27.33 16.97
C SER B 282 26.65 -28.25 16.70
N MET B 283 25.90 -27.92 15.65
CA MET B 283 24.73 -28.67 15.26
C MET B 283 24.33 -28.39 13.81
N GLY B 284 24.08 -29.48 13.07
CA GLY B 284 23.44 -29.46 11.74
C GLY B 284 22.01 -29.00 11.99
N ILE B 285 21.58 -27.97 11.27
CA ILE B 285 20.25 -27.39 11.41
C ILE B 285 19.48 -27.43 10.07
N ASN B 286 18.16 -27.20 10.16
CA ASN B 286 17.31 -27.19 8.96
C ASN B 286 17.39 -25.82 8.32
N SER B 287 18.59 -25.54 7.79
CA SER B 287 18.86 -24.38 7.00
C SER B 287 19.76 -24.75 5.86
N THR B 288 19.69 -23.93 4.81
CA THR B 288 20.47 -24.15 3.60
C THR B 288 21.20 -22.88 3.22
N SER B 289 22.28 -23.07 2.50
CA SER B 289 23.03 -22.00 1.88
C SER B 289 22.93 -22.18 0.36
N PHE B 290 22.45 -21.14 -0.29
CA PHE B 290 22.47 -21.07 -1.74
C PHE B 290 22.64 -19.63 -2.23
N TYR B 291 23.10 -19.47 -3.47
CA TYR B 291 23.28 -18.18 -4.10
C TYR B 291 22.13 -18.03 -5.10
N SER B 292 21.35 -16.95 -4.93
CA SER B 292 20.21 -16.63 -5.74
C SER B 292 20.68 -15.92 -7.01
N LEU B 293 19.98 -16.15 -8.11
CA LEU B 293 20.38 -15.60 -9.39
C LEU B 293 19.18 -14.84 -9.92
N ASN B 294 19.38 -13.58 -10.28
CA ASN B 294 18.27 -12.79 -10.80
C ASN B 294 17.98 -13.15 -12.25
N MET B 295 16.86 -13.84 -12.45
CA MET B 295 16.47 -14.35 -13.76
C MET B 295 16.17 -13.26 -14.77
N LYS B 296 15.98 -12.02 -14.32
CA LYS B 296 15.74 -10.87 -15.21
C LYS B 296 17.03 -10.13 -15.55
N VAL B 297 18.17 -10.70 -15.19
CA VAL B 297 19.46 -10.06 -15.48
C VAL B 297 20.28 -10.96 -16.42
N LYS B 298 20.59 -10.47 -17.61
CA LYS B 298 21.32 -11.25 -18.61
C LYS B 298 22.77 -11.31 -18.19
N PRO B 299 23.44 -12.45 -18.41
CA PRO B 299 23.00 -13.71 -19.04
C PRO B 299 22.42 -14.75 -18.08
N LEU B 300 21.99 -14.32 -16.89
CA LEU B 300 21.43 -15.26 -15.91
C LEU B 300 20.05 -15.83 -16.33
N ASP B 301 19.42 -15.27 -17.37
CA ASP B 301 18.22 -15.89 -17.97
C ASP B 301 18.56 -17.12 -18.84
N ASN B 302 19.86 -17.39 -19.03
CA ASN B 302 20.32 -18.51 -19.86
C ASN B 302 20.60 -19.73 -18.98
N VAL B 303 19.79 -20.78 -19.13
CA VAL B 303 19.89 -21.95 -18.25
C VAL B 303 21.30 -22.55 -18.23
N LYS B 304 21.98 -22.51 -19.37
CA LYS B 304 23.35 -23.01 -19.49
C LYS B 304 24.32 -22.22 -18.65
N VAL B 305 24.11 -20.92 -18.58
CA VAL B 305 24.95 -20.09 -17.68
C VAL B 305 24.71 -20.45 -16.23
N ARG B 306 23.45 -20.59 -15.82
CA ARG B 306 23.17 -20.91 -14.41
C ARG B 306 23.77 -22.27 -14.03
N LYS B 307 23.69 -23.22 -14.96
CA LYS B 307 24.23 -24.55 -14.75
C LYS B 307 25.76 -24.49 -14.63
N ALA B 308 26.39 -23.72 -15.50
CA ALA B 308 27.85 -23.49 -15.44
C ALA B 308 28.28 -22.96 -14.07
N LEU B 309 27.62 -21.91 -13.61
CA LEU B 309 27.88 -21.36 -12.28
C LEU B 309 27.73 -22.39 -11.16
N SER B 310 26.70 -23.22 -11.24
CA SER B 310 26.49 -24.22 -10.22
C SER B 310 27.58 -25.34 -10.24
N PHE B 311 27.84 -25.89 -11.41
CA PHE B 311 28.79 -26.98 -11.51
C PHE B 311 30.25 -26.54 -11.24
N ALA B 312 30.51 -25.23 -11.29
CA ALA B 312 31.86 -24.68 -11.16
C ALA B 312 32.31 -24.45 -9.75
N ILE B 313 31.46 -24.74 -8.77
CA ILE B 313 31.81 -24.52 -7.37
C ILE B 313 32.15 -25.85 -6.70
N ASP B 314 33.36 -25.97 -6.20
CA ASP B 314 33.80 -27.15 -5.47
C ASP B 314 33.18 -27.16 -4.05
N ARG B 315 32.01 -27.76 -3.90
CA ARG B 315 31.24 -27.73 -2.66
C ARG B 315 31.93 -28.44 -1.50
N LYS B 316 32.57 -29.56 -1.82
CA LYS B 316 33.32 -30.29 -0.79
C LYS B 316 34.43 -29.43 -0.21
N THR B 317 35.19 -28.72 -1.05
CA THR B 317 36.27 -27.85 -0.55
C THR B 317 35.70 -26.71 0.28
N LEU B 318 34.57 -26.16 -0.12
CA LEU B 318 33.91 -25.11 0.69
C LEU B 318 33.59 -25.59 2.11
N THR B 319 32.96 -26.75 2.26
CA THR B 319 32.58 -27.23 3.58
C THR B 319 33.80 -27.81 4.37
N GLU B 320 34.71 -28.49 3.68
CA GLU B 320 35.81 -29.21 4.34
C GLU B 320 36.92 -28.25 4.74
N SER B 321 37.36 -27.38 3.82
CA SER B 321 38.54 -26.48 4.02
C SER B 321 38.18 -25.05 4.38
N VAL B 322 37.23 -24.47 3.68
CA VAL B 322 36.90 -23.07 3.93
C VAL B 322 36.15 -22.91 5.25
N LEU B 323 35.01 -23.57 5.38
CA LEU B 323 34.16 -23.48 6.57
C LEU B 323 34.67 -24.33 7.72
N ASN B 324 35.11 -25.55 7.42
CA ASN B 324 35.57 -26.50 8.43
C ASN B 324 34.54 -26.69 9.54
N ASP B 325 33.27 -26.80 9.17
CA ASP B 325 32.22 -26.88 10.20
C ASP B 325 31.19 -28.01 10.11
N SER B 326 31.50 -29.09 9.38
CA SER B 326 30.56 -30.21 9.25
C SER B 326 29.15 -29.83 8.69
N SER B 327 29.13 -28.76 7.90
CA SER B 327 28.05 -28.53 6.96
C SER B 327 28.05 -29.68 5.98
N ILE B 328 26.93 -29.89 5.31
CA ILE B 328 26.83 -30.94 4.32
C ILE B 328 26.87 -30.35 2.93
N PRO B 329 27.95 -30.58 2.18
CA PRO B 329 27.91 -30.13 0.80
C PRO B 329 26.76 -30.78 0.01
N THR B 330 26.02 -30.01 -0.79
CA THR B 330 24.89 -30.58 -1.50
C THR B 330 24.45 -29.87 -2.77
N ARG B 331 23.78 -30.62 -3.64
CA ARG B 331 23.09 -30.06 -4.80
C ARG B 331 21.58 -29.82 -4.49
N ARG B 332 21.14 -30.26 -3.32
CA ARG B 332 19.74 -30.25 -2.91
C ARG B 332 19.28 -28.87 -2.42
N ALA B 333 17.97 -28.68 -2.47
CA ALA B 333 17.35 -27.47 -2.00
C ALA B 333 16.69 -27.61 -0.64
N THR B 334 16.58 -28.84 -0.17
CA THR B 334 15.98 -29.09 1.13
C THR B 334 16.86 -29.97 1.98
N PRO B 335 16.73 -29.84 3.31
CA PRO B 335 17.26 -30.86 4.22
C PRO B 335 16.45 -32.15 4.09
N ASP B 336 16.97 -33.20 4.73
CA ASP B 336 16.27 -34.46 4.91
C ASP B 336 15.37 -34.39 6.12
N TYR B 337 14.22 -35.05 6.01
CA TYR B 337 13.27 -35.20 7.09
C TYR B 337 12.84 -36.67 7.14
N ILE B 338 12.23 -37.06 8.24
CA ILE B 338 11.69 -38.41 8.38
C ILE B 338 10.80 -38.85 7.19
N ASP B 339 9.97 -37.93 6.67
CA ASP B 339 9.01 -38.27 5.61
C ASP B 339 9.48 -37.75 4.26
N TYR B 340 10.77 -37.40 4.18
CA TYR B 340 11.38 -36.85 2.96
C TYR B 340 12.87 -37.03 3.03
N SER B 341 13.35 -38.23 2.74
CA SER B 341 14.78 -38.45 2.74
C SER B 341 15.17 -39.42 1.64
N TYR B 342 16.16 -39.00 0.88
CA TYR B 342 16.70 -39.79 -0.20
C TYR B 342 18.09 -39.29 -0.51
N LYS B 343 18.85 -40.12 -1.21
CA LYS B 343 20.22 -39.81 -1.58
C LYS B 343 20.21 -39.53 -3.09
N SER B 344 20.53 -38.31 -3.49
CA SER B 344 20.60 -38.04 -4.93
C SER B 344 22.02 -38.37 -5.37
N ASN B 345 22.17 -38.87 -6.58
CA ASN B 345 23.48 -39.21 -7.07
C ASN B 345 24.06 -38.02 -7.83
N LEU B 346 23.83 -36.80 -7.35
CA LEU B 346 24.14 -35.65 -8.17
C LEU B 346 25.55 -35.20 -7.91
N SER B 347 26.22 -34.79 -8.97
CA SER B 347 27.59 -34.34 -8.89
C SER B 347 27.67 -33.02 -8.11
N LEU B 348 28.59 -32.97 -7.16
CA LEU B 348 28.82 -31.80 -6.30
C LEU B 348 29.70 -30.71 -6.97
N PHE B 349 30.42 -31.09 -8.04
CA PHE B 349 31.41 -30.26 -8.70
C PHE B 349 31.92 -30.90 -9.97
N ASP B 350 31.89 -30.15 -11.08
CA ASP B 350 32.45 -30.64 -12.34
C ASP B 350 32.89 -29.44 -13.16
N ALA B 351 34.15 -29.01 -13.00
CA ALA B 351 34.66 -27.82 -13.68
C ALA B 351 34.61 -28.01 -15.20
N GLU B 352 34.99 -29.20 -15.67
CA GLU B 352 35.12 -29.43 -17.11
C GLU B 352 33.77 -29.27 -17.79
N MET B 353 32.74 -29.88 -17.23
CA MET B 353 31.39 -29.68 -17.75
C MET B 353 30.93 -28.23 -17.64
N ALA B 354 31.27 -27.56 -16.55
CA ALA B 354 30.96 -26.15 -16.39
C ALA B 354 31.56 -25.32 -17.52
N LYS B 355 32.80 -25.62 -17.88
CA LYS B 355 33.46 -24.92 -18.99
C LYS B 355 32.70 -25.12 -20.30
N LYS B 356 32.30 -26.36 -20.58
CA LYS B 356 31.61 -26.67 -21.84
C LYS B 356 30.28 -25.94 -21.91
N LEU B 357 29.53 -25.90 -20.81
CA LEU B 357 28.22 -25.24 -20.78
C LEU B 357 28.35 -23.75 -21.03
N LEU B 358 29.36 -23.15 -20.42
CA LEU B 358 29.58 -21.73 -20.56
C LEU B 358 29.99 -21.38 -21.98
N ALA B 359 30.86 -22.17 -22.61
CA ALA B 359 31.16 -21.99 -24.04
C ALA B 359 29.93 -22.16 -24.96
N ASP B 360 29.13 -23.16 -24.71
CA ASP B 360 27.93 -23.39 -25.51
C ASP B 360 26.90 -22.28 -25.35
N ALA B 361 26.86 -21.67 -24.18
CA ALA B 361 26.08 -20.43 -23.95
C ALA B 361 26.61 -19.21 -24.68
N GLY B 362 27.78 -19.35 -25.32
CA GLY B 362 28.41 -18.24 -26.05
C GLY B 362 29.51 -17.49 -25.29
N TYR B 363 30.11 -18.09 -24.26
CA TYR B 363 31.16 -17.43 -23.46
C TYR B 363 32.35 -18.35 -23.22
N PRO B 364 32.99 -18.79 -24.30
CA PRO B 364 34.07 -19.76 -24.17
C PRO B 364 35.20 -19.13 -23.41
N ASN B 365 35.70 -19.79 -22.38
CA ASN B 365 36.73 -19.23 -21.53
C ASN B 365 36.35 -17.86 -20.92
N GLY B 366 35.04 -17.62 -20.80
CA GLY B 366 34.53 -16.39 -20.20
C GLY B 366 34.51 -15.16 -21.11
N ASN B 367 34.86 -15.34 -22.39
CA ASN B 367 34.88 -14.23 -23.35
C ASN B 367 33.51 -13.60 -23.45
N ASN B 368 33.51 -12.27 -23.39
CA ASN B 368 32.28 -11.50 -23.45
C ASN B 368 31.32 -11.69 -22.28
N PHE B 369 31.75 -12.35 -21.20
CA PHE B 369 30.91 -12.49 -20.03
C PHE B 369 30.98 -11.20 -19.22
N PRO B 370 29.82 -10.56 -18.94
CA PRO B 370 29.85 -9.30 -18.18
C PRO B 370 30.35 -9.47 -16.75
N LEU B 371 30.77 -8.35 -16.15
CA LEU B 371 31.18 -8.28 -14.75
C LEU B 371 29.93 -8.15 -13.85
N LEU B 372 29.39 -9.28 -13.42
CA LEU B 372 28.28 -9.33 -12.47
C LEU B 372 28.65 -8.98 -11.02
N LYS B 373 27.71 -8.40 -10.27
CA LYS B 373 27.91 -8.07 -8.84
C LYS B 373 27.23 -9.11 -7.97
N VAL B 374 28.00 -9.68 -7.05
CA VAL B 374 27.52 -10.64 -6.07
C VAL B 374 27.34 -9.93 -4.75
N LYS B 375 26.10 -9.81 -4.27
CA LYS B 375 25.84 -9.17 -3.00
C LYS B 375 25.84 -10.21 -1.85
N TYR B 376 26.20 -9.79 -0.66
CA TYR B 376 26.05 -10.65 0.50
C TYR B 376 25.86 -9.78 1.74
N ASN B 377 25.40 -10.39 2.83
CA ASN B 377 25.21 -9.66 4.08
C ASN B 377 26.51 -9.56 4.86
N THR B 378 26.81 -8.34 5.32
CA THR B 378 27.97 -8.12 6.17
C THR B 378 28.04 -9.15 7.30
N SER B 379 29.14 -9.89 7.30
CA SER B 379 29.36 -11.03 8.18
C SER B 379 30.76 -11.60 7.85
N ASP B 380 31.46 -12.04 8.87
CA ASP B 380 32.80 -12.58 8.66
C ASP B 380 32.72 -13.93 7.94
N SER B 381 31.77 -14.82 8.27
CA SER B 381 31.64 -16.06 7.47
C SER B 381 31.13 -15.84 6.05
N GLN B 382 30.09 -15.01 5.87
CA GLN B 382 29.60 -14.76 4.52
C GLN B 382 30.65 -14.11 3.64
N ARG B 383 31.47 -13.23 4.21
CA ARG B 383 32.59 -12.68 3.47
C ARG B 383 33.54 -13.79 3.03
N LYS B 384 33.84 -14.74 3.93
CA LYS B 384 34.71 -15.83 3.54
C LYS B 384 34.15 -16.65 2.39
N ILE B 385 32.86 -16.98 2.49
CA ILE B 385 32.22 -17.80 1.48
C ILE B 385 32.11 -17.06 0.17
N ALA B 386 31.77 -15.78 0.22
CA ALA B 386 31.59 -15.02 -1.01
C ALA B 386 32.91 -14.87 -1.77
N GLU B 387 34.03 -14.77 -1.05
CA GLU B 387 35.35 -14.64 -1.72
C GLU B 387 35.74 -15.98 -2.32
N PHE B 388 35.40 -17.05 -1.62
CA PHE B 388 35.61 -18.38 -2.15
C PHE B 388 34.86 -18.58 -3.47
N ILE B 389 33.56 -18.22 -3.46
CA ILE B 389 32.73 -18.30 -4.66
C ILE B 389 33.36 -17.49 -5.79
N GLN B 390 33.76 -16.24 -5.50
CA GLN B 390 34.46 -15.38 -6.49
C GLN B 390 35.68 -16.07 -7.07
N ASN B 391 36.49 -16.59 -6.18
CA ASN B 391 37.69 -17.28 -6.58
C ASN B 391 37.39 -18.54 -7.42
N GLN B 392 36.47 -19.38 -6.96
CA GLN B 392 36.02 -20.54 -7.78
C GLN B 392 35.60 -20.18 -9.22
N TRP B 393 34.76 -19.17 -9.40
CA TRP B 393 34.30 -18.84 -10.75
C TRP B 393 35.40 -18.20 -11.65
N LYS B 394 36.33 -17.49 -11.04
CA LYS B 394 37.49 -17.01 -11.79
C LYS B 394 38.35 -18.19 -12.23
N LYS B 395 38.64 -19.09 -11.31
CA LYS B 395 39.60 -20.18 -11.56
C LYS B 395 39.00 -21.30 -12.45
N ASN B 396 37.73 -21.66 -12.27
CA ASN B 396 37.11 -22.74 -13.07
C ASN B 396 36.41 -22.29 -14.37
N LEU B 397 35.92 -21.07 -14.45
CA LEU B 397 35.26 -20.51 -15.65
C LEU B 397 35.90 -19.25 -16.25
N ASN B 398 36.90 -18.69 -15.57
CA ASN B 398 37.48 -17.42 -16.00
C ASN B 398 36.45 -16.29 -16.15
N ILE B 399 35.49 -16.24 -15.22
CA ILE B 399 34.66 -15.06 -15.11
C ILE B 399 35.02 -14.27 -13.85
N ASN B 400 34.85 -12.96 -13.97
CA ASN B 400 35.15 -12.02 -12.93
C ASN B 400 33.86 -11.50 -12.38
N VAL B 401 33.65 -11.68 -11.07
CA VAL B 401 32.51 -11.08 -10.39
C VAL B 401 33.01 -10.09 -9.34
N GLN B 402 32.26 -9.01 -9.12
CA GLN B 402 32.54 -8.08 -8.05
C GLN B 402 31.74 -8.44 -6.79
N LEU B 403 32.26 -8.16 -5.61
CA LEU B 403 31.57 -8.44 -4.34
C LEU B 403 31.08 -7.14 -3.73
N GLU B 404 29.91 -7.19 -3.12
CA GLU B 404 29.42 -6.07 -2.35
C GLU B 404 28.65 -6.48 -1.10
N ASN B 405 29.19 -6.13 0.07
CA ASN B 405 28.51 -6.41 1.32
C ASN B 405 27.45 -5.34 1.62
N GLU B 406 26.35 -5.77 2.24
CA GLU B 406 25.26 -4.89 2.65
C GLU B 406 24.88 -5.23 4.10
N GLU B 407 24.62 -4.19 4.88
CA GLU B 407 24.05 -4.34 6.22
C GLU B 407 22.75 -5.12 6.15
N TRP B 408 22.48 -5.87 7.21
CA TRP B 408 21.36 -6.81 7.30
C TRP B 408 20.02 -6.30 6.72
N SER B 409 19.61 -5.09 7.10
CA SER B 409 18.30 -4.57 6.68
C SER B 409 18.27 -4.23 5.20
N THR B 410 19.35 -3.64 4.70
CA THR B 410 19.52 -3.42 3.28
C THR B 410 19.59 -4.75 2.50
N TYR B 411 20.38 -5.70 3.02
CA TYR B 411 20.49 -7.03 2.43
C TYR B 411 19.09 -7.66 2.25
N ILE B 412 18.32 -7.69 3.31
CA ILE B 412 16.92 -8.19 3.24
C ILE B 412 16.10 -7.43 2.19
N ASN B 413 16.21 -6.11 2.21
CA ASN B 413 15.52 -5.33 1.21
C ASN B 413 15.93 -5.72 -0.23
N SER B 414 17.21 -6.01 -0.46
CA SER B 414 17.70 -6.38 -1.79
C SER B 414 17.12 -7.70 -2.27
N ARG B 415 17.07 -8.69 -1.37
CA ARG B 415 16.51 -10.00 -1.71
C ARG B 415 15.05 -9.87 -2.09
N VAL B 416 14.30 -9.23 -1.22
CA VAL B 416 12.85 -9.12 -1.33
C VAL B 416 12.38 -8.31 -2.56
N ASN B 417 13.16 -7.29 -2.91
CA ASN B 417 12.84 -6.46 -4.07
C ASN B 417 13.61 -6.79 -5.34
N GLY B 418 14.38 -7.87 -5.37
CA GLY B 418 15.18 -8.20 -6.58
C GLY B 418 16.22 -7.13 -6.93
N ASN B 419 16.69 -6.39 -5.95
CA ASN B 419 17.73 -5.41 -6.17
C ASN B 419 19.15 -6.02 -6.09
N TYR B 420 19.43 -6.88 -7.07
CA TYR B 420 20.68 -7.65 -7.11
C TYR B 420 20.81 -8.34 -8.44
N GLU B 421 22.01 -8.85 -8.73
CA GLU B 421 22.26 -9.66 -9.90
C GLU B 421 22.47 -11.08 -9.42
N ILE B 422 23.48 -11.27 -8.58
CA ILE B 422 23.69 -12.51 -7.86
C ILE B 422 23.69 -12.14 -6.39
N ILE B 423 23.04 -12.94 -5.54
CA ILE B 423 23.04 -12.63 -4.11
C ILE B 423 23.13 -13.86 -3.27
N ARG B 424 23.98 -13.79 -2.27
CA ARG B 424 24.10 -14.87 -1.29
C ARG B 424 22.74 -14.99 -0.63
N SER B 425 22.25 -16.23 -0.52
CA SER B 425 21.01 -16.54 0.16
C SER B 425 21.15 -17.80 1.00
N GLY B 426 20.03 -18.48 1.12
CA GLY B 426 19.93 -19.51 2.14
C GLY B 426 18.57 -19.32 2.75
N TRP B 427 18.13 -20.35 3.44
CA TRP B 427 16.81 -20.34 4.00
C TRP B 427 16.88 -21.21 5.25
N SER B 428 16.26 -20.70 6.29
CA SER B 428 16.08 -21.42 7.50
C SER B 428 14.62 -21.85 7.59
N GLY B 429 14.40 -23.16 7.71
CA GLY B 429 13.04 -23.71 7.64
C GLY B 429 12.12 -23.14 8.71
N ASP B 430 10.89 -22.84 8.36
CA ASP B 430 9.94 -22.23 9.29
C ASP B 430 9.04 -23.24 10.00
N TYR B 431 9.09 -24.48 9.52
CA TYR B 431 8.32 -25.61 10.07
C TYR B 431 8.92 -26.95 9.57
N ALA B 432 8.55 -28.04 10.23
CA ALA B 432 9.22 -29.31 10.09
C ALA B 432 8.67 -30.10 8.91
N ASP B 433 8.76 -29.53 7.72
CA ASP B 433 8.35 -30.21 6.49
C ASP B 433 9.14 -29.56 5.38
N PRO B 434 9.50 -30.31 4.33
CA PRO B 434 10.28 -29.76 3.23
C PRO B 434 9.57 -28.68 2.44
N MET B 435 8.24 -28.63 2.54
CA MET B 435 7.50 -27.60 1.85
C MET B 435 7.96 -26.19 2.24
N THR B 436 8.45 -26.00 3.47
CA THR B 436 8.99 -24.67 3.81
C THR B 436 10.10 -24.26 2.86
N PHE B 437 10.91 -25.20 2.38
CA PHE B 437 11.99 -24.84 1.43
C PHE B 437 11.47 -24.73 -0.03
N LEU B 438 10.68 -25.70 -0.42
CA LEU B 438 10.20 -25.75 -1.81
C LEU B 438 9.21 -24.61 -2.11
N SER B 439 8.46 -24.14 -1.12
CA SER B 439 7.53 -23.05 -1.36
C SER B 439 8.20 -21.74 -1.84
N ILE B 440 9.45 -21.50 -1.43
CA ILE B 440 10.12 -20.25 -1.80
C ILE B 440 10.45 -20.18 -3.29
N PHE B 441 10.39 -21.32 -3.99
CA PHE B 441 10.53 -21.34 -5.44
C PHE B 441 9.22 -21.29 -6.22
N GLN B 442 8.07 -21.29 -5.52
CA GLN B 442 6.78 -20.98 -6.19
C GLN B 442 6.86 -19.60 -6.81
N THR B 443 6.25 -19.46 -7.97
CA THR B 443 6.22 -18.19 -8.69
C THR B 443 5.93 -17.00 -7.79
N GLU B 444 4.88 -17.09 -6.98
CA GLU B 444 4.45 -15.98 -6.12
C GLU B 444 5.44 -15.61 -4.97
N ASN B 445 6.39 -16.50 -4.65
CA ASN B 445 7.24 -16.39 -3.45
C ASN B 445 8.74 -16.09 -3.67
N THR B 446 9.13 -15.84 -4.90
CA THR B 446 10.54 -15.74 -5.25
C THR B 446 11.24 -14.49 -4.69
N SER B 447 10.52 -13.62 -3.99
CA SER B 447 11.18 -12.66 -3.07
C SER B 447 12.19 -13.35 -2.17
N PHE B 448 11.90 -14.57 -1.77
CA PHE B 448 12.75 -15.36 -0.87
C PHE B 448 13.69 -16.27 -1.59
N SER B 449 13.62 -16.34 -2.92
CA SER B 449 14.52 -17.20 -3.65
C SER B 449 15.21 -16.43 -4.77
N SER B 450 14.94 -16.77 -6.02
CA SER B 450 15.60 -16.20 -7.18
C SER B 450 14.58 -15.37 -7.96
N TYR B 451 14.75 -14.05 -7.91
CA TYR B 451 13.75 -13.12 -8.43
C TYR B 451 13.40 -13.49 -9.87
N GLY B 452 12.10 -13.58 -10.14
CA GLY B 452 11.57 -13.82 -11.47
C GLY B 452 11.55 -15.28 -11.94
N TYR B 453 11.80 -16.21 -11.04
CA TYR B 453 11.74 -17.62 -11.42
C TYR B 453 10.27 -18.06 -11.46
N SER B 454 9.89 -18.79 -12.49
CA SER B 454 8.49 -19.23 -12.62
C SER B 454 8.41 -20.45 -13.54
N ASN B 455 8.18 -21.60 -12.93
CA ASN B 455 8.02 -22.82 -13.66
C ASN B 455 6.63 -23.33 -13.29
N SER B 456 5.70 -23.28 -14.23
CA SER B 456 4.31 -23.55 -13.89
C SER B 456 4.11 -25.01 -13.49
N GLU B 457 4.88 -25.90 -14.12
CA GLU B 457 4.88 -27.32 -13.77
C GLU B 457 5.31 -27.53 -12.31
N TYR B 458 6.34 -26.81 -11.89
CA TYR B 458 6.80 -26.90 -10.50
C TYR B 458 5.70 -26.44 -9.57
N ASP B 459 5.07 -25.30 -9.92
CA ASP B 459 3.93 -24.75 -9.17
C ASP B 459 2.81 -25.82 -9.06
N GLU B 460 2.43 -26.43 -10.18
CA GLU B 460 1.37 -27.45 -10.15
C GLU B 460 1.79 -28.63 -9.28
N LEU B 461 3.04 -29.06 -9.36
CA LEU B 461 3.53 -30.16 -8.49
C LEU B 461 3.41 -29.84 -6.97
N LEU B 462 3.72 -28.61 -6.59
CA LEU B 462 3.55 -28.26 -5.20
C LEU B 462 2.08 -28.35 -4.80
N ILE B 463 1.17 -27.84 -5.63
CA ILE B 463 -0.29 -27.93 -5.39
C ILE B 463 -0.69 -29.41 -5.21
N LYS B 464 -0.19 -30.30 -6.07
CA LYS B 464 -0.57 -31.73 -6.02
C LYS B 464 -0.07 -32.33 -4.70
N SER B 465 1.14 -31.96 -4.28
CA SER B 465 1.66 -32.41 -2.99
C SER B 465 0.76 -31.99 -1.82
N ASP B 466 0.13 -30.82 -1.91
CA ASP B 466 -0.77 -30.30 -0.87
C ASP B 466 -2.05 -31.12 -0.71
N ASN B 467 -2.42 -31.90 -1.74
CA ASN B 467 -3.64 -32.73 -1.72
C ASN B 467 -3.37 -34.24 -1.64
N GLU B 468 -2.18 -34.63 -1.22
CA GLU B 468 -1.81 -36.02 -1.12
C GLU B 468 -1.46 -36.38 0.32
N ARG B 469 -2.28 -37.25 0.91
CA ARG B 469 -2.14 -37.69 2.31
C ARG B 469 -1.12 -38.81 2.52
N ASP B 470 -0.83 -39.62 1.51
CA ASP B 470 0.06 -40.77 1.68
C ASP B 470 1.53 -40.35 1.66
N ILE B 471 2.29 -40.75 2.69
CA ILE B 471 3.69 -40.34 2.83
C ILE B 471 4.55 -40.65 1.59
N PHE B 472 4.60 -41.92 1.21
CA PHE B 472 5.46 -42.37 0.12
C PHE B 472 5.14 -41.58 -1.16
N LYS B 473 3.87 -41.33 -1.42
CA LYS B 473 3.46 -40.64 -2.64
C LYS B 473 3.62 -39.15 -2.62
N ARG B 474 3.43 -38.53 -1.45
CA ARG B 474 3.76 -37.12 -1.31
C ARG B 474 5.28 -36.96 -1.50
N GLN B 475 6.08 -37.85 -0.91
CA GLN B 475 7.52 -37.83 -1.12
C GLN B 475 7.87 -37.91 -2.61
N GLU B 476 7.20 -38.79 -3.35
CA GLU B 476 7.47 -38.91 -4.78
C GLU B 476 7.07 -37.64 -5.56
N ILE B 477 5.96 -37.02 -5.22
CA ILE B 477 5.58 -35.77 -5.92
C ILE B 477 6.62 -34.67 -5.60
N LEU B 478 7.04 -34.55 -4.34
CA LEU B 478 7.98 -33.49 -3.96
C LEU B 478 9.36 -33.67 -4.54
N LYS B 479 9.84 -34.91 -4.63
CA LYS B 479 11.10 -35.19 -5.32
C LYS B 479 11.07 -34.73 -6.75
N LYS B 480 9.90 -34.83 -7.41
CA LYS B 480 9.82 -34.45 -8.82
C LYS B 480 9.89 -32.94 -8.93
N ALA B 481 9.20 -32.26 -8.02
CA ALA B 481 9.29 -30.81 -7.94
C ALA B 481 10.74 -30.36 -7.69
N GLU B 482 11.35 -30.93 -6.64
CA GLU B 482 12.73 -30.60 -6.30
C GLU B 482 13.69 -30.86 -7.49
N ALA B 483 13.42 -31.92 -8.24
CA ALA B 483 14.28 -32.29 -9.37
C ALA B 483 14.33 -31.18 -10.39
N ILE B 484 13.17 -30.57 -10.67
CA ILE B 484 13.09 -29.40 -11.56
C ILE B 484 14.11 -28.34 -11.15
N ILE B 485 14.14 -27.95 -9.88
CA ILE B 485 15.00 -26.85 -9.47
C ILE B 485 16.47 -27.25 -9.31
N ILE B 486 16.77 -28.44 -8.80
CA ILE B 486 18.16 -28.85 -8.56
C ILE B 486 18.88 -29.50 -9.76
N GLU B 487 18.13 -30.10 -10.69
CA GLU B 487 18.72 -30.79 -11.86
C GLU B 487 18.41 -30.15 -13.20
N ARG B 488 17.37 -29.32 -13.30
CA ARG B 488 16.90 -28.81 -14.61
C ARG B 488 16.98 -27.27 -14.76
N ASP B 489 16.26 -26.54 -13.92
CA ASP B 489 16.22 -25.09 -14.13
C ASP B 489 17.38 -24.30 -13.51
N PHE B 490 17.97 -24.80 -12.44
CA PHE B 490 19.03 -24.09 -11.71
C PHE B 490 18.72 -22.60 -11.46
N PRO B 491 17.60 -22.31 -10.81
CA PRO B 491 17.32 -20.93 -10.43
C PRO B 491 18.33 -20.40 -9.42
N ALA B 492 18.90 -21.31 -8.64
CA ALA B 492 19.94 -20.99 -7.68
C ALA B 492 21.10 -21.99 -7.73
N VAL B 493 22.22 -21.54 -7.18
CA VAL B 493 23.38 -22.37 -6.91
C VAL B 493 23.26 -22.90 -5.49
N PHE B 494 22.79 -24.13 -5.38
CA PHE B 494 22.64 -24.78 -4.07
C PHE B 494 24.01 -25.25 -3.56
N LEU B 495 24.33 -24.95 -2.30
CA LEU B 495 25.69 -25.12 -1.77
C LEU B 495 25.79 -26.16 -0.65
N ASN B 496 25.03 -25.98 0.42
CA ASN B 496 25.09 -26.95 1.52
C ASN B 496 23.91 -26.89 2.46
N ILE B 497 23.80 -27.92 3.28
CA ILE B 497 22.94 -27.91 4.44
C ILE B 497 23.81 -27.42 5.59
N THR B 498 23.35 -26.39 6.28
CA THR B 498 24.23 -25.64 7.16
C THR B 498 24.29 -26.26 8.56
N SER B 499 25.42 -26.04 9.21
CA SER B 499 25.63 -26.45 10.59
C SER B 499 25.96 -25.17 11.34
N SER B 500 25.43 -24.99 12.55
CA SER B 500 25.75 -23.75 13.30
C SER B 500 26.70 -23.98 14.49
N SER B 501 27.45 -22.93 14.79
CA SER B 501 28.31 -22.87 15.96
C SER B 501 27.75 -21.91 17.04
N TYR B 502 27.94 -22.27 18.30
CA TYR B 502 27.59 -21.43 19.43
C TYR B 502 28.68 -21.50 20.50
N LEU B 503 28.88 -20.41 21.24
CA LEU B 503 29.57 -20.43 22.52
C LEU B 503 28.56 -20.07 23.60
N PHE B 504 28.59 -20.79 24.70
CA PHE B 504 27.61 -20.60 25.75
C PHE B 504 28.27 -21.00 27.06
N ARG B 505 28.26 -20.08 28.04
CA ARG B 505 28.93 -20.28 29.34
C ARG B 505 28.18 -21.28 30.20
N ASN B 506 28.34 -22.56 29.89
CA ASN B 506 27.72 -23.65 30.62
C ASN B 506 28.35 -23.94 32.01
N ASP B 507 29.34 -23.15 32.41
CA ASP B 507 29.85 -23.15 33.77
C ASP B 507 29.03 -22.20 34.66
N LYS B 508 28.32 -21.27 34.04
CA LYS B 508 27.49 -20.29 34.78
C LYS B 508 26.00 -20.52 34.65
N TRP B 509 25.59 -21.00 33.47
CA TRP B 509 24.18 -21.12 33.13
C TRP B 509 23.84 -22.53 32.70
N LYS B 510 22.55 -22.81 32.73
CA LYS B 510 22.00 -24.03 32.17
C LYS B 510 20.62 -23.71 31.59
N GLY B 511 20.01 -24.70 30.97
CA GLY B 511 18.67 -24.54 30.40
C GLY B 511 18.65 -24.08 28.95
N TRP B 512 19.80 -24.15 28.29
CA TRP B 512 19.88 -23.88 26.86
C TRP B 512 20.64 -25.02 26.18
N GLU B 513 20.19 -25.40 24.99
CA GLU B 513 20.97 -26.32 24.15
C GLU B 513 20.56 -26.06 22.73
N PRO B 514 21.43 -26.41 21.77
CA PRO B 514 21.07 -26.32 20.37
C PRO B 514 19.95 -27.31 20.02
N ASN B 515 19.14 -26.99 19.00
CA ASN B 515 18.19 -27.92 18.42
C ASN B 515 18.10 -27.68 16.89
N ILE B 516 17.46 -28.62 16.20
CA ILE B 516 17.51 -28.66 14.74
C ILE B 516 16.87 -27.43 14.05
N SER B 517 15.94 -26.76 14.73
CA SER B 517 15.23 -25.66 14.12
C SER B 517 15.61 -24.30 14.73
N GLU B 518 16.58 -24.26 15.66
CA GLU B 518 16.96 -23.01 16.35
C GLU B 518 15.77 -22.30 16.99
N ARG B 519 14.85 -23.05 17.56
CA ARG B 519 13.75 -22.42 18.32
C ARG B 519 14.18 -22.45 19.77
N PHE B 520 14.59 -21.28 20.24
CA PHE B 520 15.14 -21.15 21.57
C PHE B 520 14.17 -20.39 22.44
N ASN B 521 14.06 -20.86 23.67
CA ASN B 521 13.36 -20.16 24.73
C ASN B 521 14.35 -19.75 25.80
N LEU B 522 14.82 -18.51 25.72
CA LEU B 522 15.85 -18.05 26.64
C LEU B 522 15.32 -17.88 28.09
N SER B 523 14.01 -17.83 28.27
CA SER B 523 13.44 -17.67 29.61
C SER B 523 13.59 -18.92 30.50
N GLU B 524 14.02 -20.03 29.90
CA GLU B 524 14.33 -21.24 30.66
C GLU B 524 15.77 -21.30 31.17
N ILE B 525 16.56 -20.27 30.84
CA ILE B 525 17.90 -20.17 31.37
C ILE B 525 17.87 -19.91 32.87
N LYS B 526 18.76 -20.59 33.59
CA LYS B 526 18.86 -20.52 35.02
C LYS B 526 20.33 -20.47 35.39
N PRO B 527 20.67 -19.80 36.50
CA PRO B 527 22.03 -19.79 36.96
C PRO B 527 22.37 -21.17 37.55
N ILE B 528 23.65 -21.54 37.56
CA ILE B 528 24.06 -22.81 38.20
C ILE B 528 24.96 -22.50 39.37
N UNK C 1 -15.57 18.36 -9.97
CA UNK C 1 -14.85 19.63 -9.64
C UNK C 1 -13.50 19.61 -10.32
N UNK C 2 -12.96 20.79 -10.60
CA UNK C 2 -11.62 20.93 -11.17
C UNK C 2 -10.62 20.54 -10.11
N UNK C 3 -9.77 19.55 -10.41
CA UNK C 3 -8.78 19.01 -9.46
C UNK C 3 -7.35 19.53 -9.59
N UNK C 4 -6.66 19.77 -8.45
CA UNK C 4 -5.30 20.35 -8.38
C UNK C 4 -4.25 19.48 -9.03
N UNK D 1 12.61 -18.44 6.87
CA UNK D 1 13.16 -17.12 7.26
C UNK D 1 14.54 -16.97 6.62
N UNK D 2 14.86 -15.75 6.23
CA UNK D 2 16.20 -15.41 5.74
C UNK D 2 17.21 -15.57 6.85
N UNK D 3 18.26 -16.35 6.57
CA UNK D 3 19.27 -16.74 7.56
C UNK D 3 20.51 -15.88 7.47
N UNK D 4 21.05 -15.45 8.63
CA UNK D 4 22.31 -14.65 8.72
C UNK D 4 23.48 -15.49 8.25
#